data_1K8N
# 
_entry.id   1K8N 
# 
_audit_conform.dict_name       mmcif_pdbx.dic 
_audit_conform.dict_version    5.392 
_audit_conform.dict_location   http://mmcif.pdb.org/dictionaries/ascii/mmcif_pdbx.dic 
# 
loop_
_database_2.database_id 
_database_2.database_code 
_database_2.pdbx_database_accession 
_database_2.pdbx_DOI 
PDB   1K8N         pdb_00001k8n 10.2210/pdb1k8n/pdb 
RCSB  RCSB014697   ?            ?                   
WWPDB D_1000014697 ?            ?                   
# 
loop_
_pdbx_audit_revision_history.ordinal 
_pdbx_audit_revision_history.data_content_type 
_pdbx_audit_revision_history.major_revision 
_pdbx_audit_revision_history.minor_revision 
_pdbx_audit_revision_history.revision_date 
1 'Structure model' 1 0 2003-04-15 
2 'Structure model' 1 1 2008-04-27 
3 'Structure model' 1 2 2011-07-13 
4 'Structure model' 1 3 2022-02-23 
5 'Structure model' 1 4 2024-05-22 
# 
_pdbx_audit_revision_details.ordinal             1 
_pdbx_audit_revision_details.revision_ordinal    1 
_pdbx_audit_revision_details.data_content_type   'Structure model' 
_pdbx_audit_revision_details.provider            repository 
_pdbx_audit_revision_details.type                'Initial release' 
_pdbx_audit_revision_details.description         ? 
_pdbx_audit_revision_details.details             ? 
# 
loop_
_pdbx_audit_revision_group.ordinal 
_pdbx_audit_revision_group.revision_ordinal 
_pdbx_audit_revision_group.data_content_type 
_pdbx_audit_revision_group.group 
1 2 'Structure model' 'Version format compliance' 
2 3 'Structure model' 'Version format compliance' 
3 4 'Structure model' 'Data collection'           
4 4 'Structure model' 'Database references'       
5 4 'Structure model' 'Derived calculations'      
6 5 'Structure model' 'Data collection'           
# 
loop_
_pdbx_audit_revision_category.ordinal 
_pdbx_audit_revision_category.revision_ordinal 
_pdbx_audit_revision_category.data_content_type 
_pdbx_audit_revision_category.category 
1 4 'Structure model' database_2            
2 4 'Structure model' pdbx_nmr_software     
3 4 'Structure model' pdbx_struct_assembly  
4 4 'Structure model' pdbx_struct_oper_list 
5 4 'Structure model' struct_conn           
6 5 'Structure model' chem_comp_atom        
7 5 'Structure model' chem_comp_bond        
# 
loop_
_pdbx_audit_revision_item.ordinal 
_pdbx_audit_revision_item.revision_ordinal 
_pdbx_audit_revision_item.data_content_type 
_pdbx_audit_revision_item.item 
1 4 'Structure model' '_database_2.pdbx_DOI'                
2 4 'Structure model' '_database_2.pdbx_database_accession' 
3 4 'Structure model' '_pdbx_nmr_software.name'             
4 4 'Structure model' '_struct_conn.pdbx_leaving_atom_flag' 
# 
_pdbx_database_status.status_code                     REL 
_pdbx_database_status.entry_id                        1K8N 
_pdbx_database_status.recvd_initial_deposition_date   2001-10-24 
_pdbx_database_status.deposit_site                    RCSB 
_pdbx_database_status.process_site                    RCSB 
_pdbx_database_status.status_code_mr                  REL 
_pdbx_database_status.SG_entry                        . 
_pdbx_database_status.status_code_sf                  ? 
_pdbx_database_status.pdb_format_compatible           Y 
_pdbx_database_status.status_code_cs                  ? 
_pdbx_database_status.status_code_nmr_data            ? 
_pdbx_database_status.methods_development_category    ? 
# 
loop_
_pdbx_database_related.db_name 
_pdbx_database_related.db_id 
_pdbx_database_related.details 
_pdbx_database_related.content_type 
PDB 1K8J 'NMR Structure of CK14, the non-thioated analog of XBY6'      unspecified 
PDB 1K8L 'NMR Structure of CK14, an analog with 6 phosphorodithioates' unspecified 
# 
loop_
_audit_author.name 
_audit_author.pdbx_ordinal 
'Volk, D.E.'        1 
'Yang, X.'          2 
'Fennewald, S.M.'   3 
'King, D.J.'        4 
'Bassett, S.E.'     5 
'Venkitachalam, S.' 6 
'Herzog, N.'        7 
'Luxon, B.A.'       8 
'Gorenstein, D.G.'  9 
# 
_citation.id                        primary 
_citation.title                     
'Solution structure and design of dithiophosphate backbone aptamers targeting transcription factor NF-kappaB' 
_citation.journal_abbrev            Bioorg.Chem. 
_citation.journal_volume            30 
_citation.page_first                396 
_citation.page_last                 419 
_citation.year                      2002 
_citation.journal_id_ASTM           BOCMBM 
_citation.country                   US 
_citation.journal_id_ISSN           0045-2068 
_citation.journal_id_CSD            0368 
_citation.book_publisher            ? 
_citation.pdbx_database_id_PubMed   12642125 
_citation.pdbx_database_id_DOI      '10.1016/S0045-2068(02)00510-2' 
# 
loop_
_citation_author.citation_id 
_citation_author.name 
_citation_author.ordinal 
_citation_author.identifier_ORCID 
primary 'Volk, D.E.'        1 ? 
primary 'Yang, X.'          2 ? 
primary 'Fennewald, S.M.'   3 ? 
primary 'King, D.J.'        4 ? 
primary 'Bassett, S.E.'     5 ? 
primary 'Venkitachalam, S.' 6 ? 
primary 'Herzog, N.'        7 ? 
primary 'Luxon, B.A.'       8 ? 
primary 'Gorenstein, D.G.'  9 ? 
# 
loop_
_entity.id 
_entity.type 
_entity.src_method 
_entity.pdbx_description 
_entity.formula_weight 
_entity.pdbx_number_of_molecules 
_entity.pdbx_ec 
_entity.pdbx_mutation 
_entity.pdbx_fragment 
_entity.details 
1 polymer syn 'FIRST STRAND OF CK14 DNA DUPLEX'  4249.781 1 ? ?                           ?                           
'CK14 IS A SUBUNIT OF THE NF-KB BINDING SITE CK1' 
2 polymer syn 'SECOND STRAND OF CK14 DNA DUPLEX' 4376.063 1 ? 'DITHIOATED AT C22 and C24' 'DITHIOATED AT C22 and C24' 
'CK14 IS A SUBUNIT OF THE NF-KB BINDING SITE CK1' 
# 
loop_
_entity_poly.entity_id 
_entity_poly.type 
_entity_poly.nstd_linkage 
_entity_poly.nstd_monomer 
_entity_poly.pdbx_seq_one_letter_code 
_entity_poly.pdbx_seq_one_letter_code_can 
_entity_poly.pdbx_strand_id 
_entity_poly.pdbx_target_identifier 
1 polydeoxyribonucleotide no no  '(DC)(DC)(DA)(DG)(DG)(DA)(DG)(DA)(DT)(DT)(DC)(DC)(DA)(DC)'   CCAGGAGATTCCAC A ? 
2 polydeoxyribonucleotide no yes '(DG)(DT)(DG)(DG)(DA)(DA)(DT)(C2S)(DT)(C2S)(DC)(DT)(DG)(DG)' GTGGAATCTCCTGG B ? 
# 
loop_
_entity_poly_seq.entity_id 
_entity_poly_seq.num 
_entity_poly_seq.mon_id 
_entity_poly_seq.hetero 
1 1  DC  n 
1 2  DC  n 
1 3  DA  n 
1 4  DG  n 
1 5  DG  n 
1 6  DA  n 
1 7  DG  n 
1 8  DA  n 
1 9  DT  n 
1 10 DT  n 
1 11 DC  n 
1 12 DC  n 
1 13 DA  n 
1 14 DC  n 
2 1  DG  n 
2 2  DT  n 
2 3  DG  n 
2 4  DG  n 
2 5  DA  n 
2 6  DA  n 
2 7  DT  n 
2 8  C2S n 
2 9  DT  n 
2 10 C2S n 
2 11 DC  n 
2 12 DT  n 
2 13 DG  n 
2 14 DG  n 
# 
loop_
_pdbx_entity_src_syn.entity_id 
_pdbx_entity_src_syn.pdbx_src_id 
_pdbx_entity_src_syn.pdbx_alt_source_flag 
_pdbx_entity_src_syn.pdbx_beg_seq_num 
_pdbx_entity_src_syn.pdbx_end_seq_num 
_pdbx_entity_src_syn.organism_scientific 
_pdbx_entity_src_syn.organism_common_name 
_pdbx_entity_src_syn.ncbi_taxonomy_id 
_pdbx_entity_src_syn.details 
1 1 sample ? ? ? ? ? 'SYNTHESIZED WITH NORMAL PHOSPHOROAMIDITE CHEMISTRY'                                        
2 1 sample ? ? ? ? ? 'SYNTHESIZED WITH BOTH NORMAL PHOSPHOROAMIDITE CHEMISTRY AND THIOPHOSPHORAMIDITE CHEMISTRY' 
# 
loop_
_chem_comp.id 
_chem_comp.type 
_chem_comp.mon_nstd_flag 
_chem_comp.name 
_chem_comp.pdbx_synonyms 
_chem_comp.formula 
_chem_comp.formula_weight 
C2S 'DNA linking' n "CYTIDINE-5'-DITHIOPHOSPHORATE"      ? 'C9 H14 N3 O5 P S2' 339.328 
DA  'DNA linking' y "2'-DEOXYADENOSINE-5'-MONOPHOSPHATE" ? 'C10 H14 N5 O6 P'   331.222 
DC  'DNA linking' y "2'-DEOXYCYTIDINE-5'-MONOPHOSPHATE"  ? 'C9 H14 N3 O7 P'    307.197 
DG  'DNA linking' y "2'-DEOXYGUANOSINE-5'-MONOPHOSPHATE" ? 'C10 H14 N5 O7 P'   347.221 
DT  'DNA linking' y "THYMIDINE-5'-MONOPHOSPHATE"         ? 'C10 H15 N2 O8 P'   322.208 
# 
loop_
_pdbx_poly_seq_scheme.asym_id 
_pdbx_poly_seq_scheme.entity_id 
_pdbx_poly_seq_scheme.seq_id 
_pdbx_poly_seq_scheme.mon_id 
_pdbx_poly_seq_scheme.ndb_seq_num 
_pdbx_poly_seq_scheme.pdb_seq_num 
_pdbx_poly_seq_scheme.auth_seq_num 
_pdbx_poly_seq_scheme.pdb_mon_id 
_pdbx_poly_seq_scheme.auth_mon_id 
_pdbx_poly_seq_scheme.pdb_strand_id 
_pdbx_poly_seq_scheme.pdb_ins_code 
_pdbx_poly_seq_scheme.hetero 
A 1 1  DC  1  1  1  DC  C   A . n 
A 1 2  DC  2  2  2  DC  C   A . n 
A 1 3  DA  3  3  3  DA  A   A . n 
A 1 4  DG  4  4  4  DG  G   A . n 
A 1 5  DG  5  5  5  DG  G   A . n 
A 1 6  DA  6  6  6  DA  A   A . n 
A 1 7  DG  7  7  7  DG  G   A . n 
A 1 8  DA  8  8  8  DA  A   A . n 
A 1 9  DT  9  9  9  DT  T   A . n 
A 1 10 DT  10 10 10 DT  T   A . n 
A 1 11 DC  11 11 11 DC  C   A . n 
A 1 12 DC  12 12 12 DC  C   A . n 
A 1 13 DA  13 13 13 DA  A   A . n 
A 1 14 DC  14 14 14 DC  C   A . n 
B 2 1  DG  1  15 15 DG  G   B . n 
B 2 2  DT  2  16 16 DT  T   B . n 
B 2 3  DG  3  17 17 DG  G   B . n 
B 2 4  DG  4  18 18 DG  G   B . n 
B 2 5  DA  5  19 19 DA  A   B . n 
B 2 6  DA  6  20 20 DA  A   B . n 
B 2 7  DT  7  21 21 DT  T   B . n 
B 2 8  C2S 8  22 22 C2S C2S B . n 
B 2 9  DT  9  23 23 DT  T   B . n 
B 2 10 C2S 10 24 24 C2S C2S B . n 
B 2 11 DC  11 25 25 DC  C   B . n 
B 2 12 DT  12 26 26 DT  T   B . n 
B 2 13 DG  13 27 27 DG  G   B . n 
B 2 14 DG  14 28 28 DG  G   B . n 
# 
_exptl.entry_id          1K8N 
_exptl.method            'SOLUTION NMR' 
_exptl.crystals_number   ? 
# 
_struct.entry_id                  1K8N 
_struct.title                     
'NMR structure of the XBY2 DNA duplex, an analog of CK14 containing phosphorodithioate groups at C22 and C24' 
_struct.pdbx_model_details        ? 
_struct.pdbx_CASP_flag            ? 
_struct.pdbx_model_type_details   'minimized average' 
# 
_struct_keywords.entry_id        1K8N 
_struct_keywords.pdbx_keywords   DNA 
_struct_keywords.text            'phosphorodithioate, CK14, CK1, NF-kB, XBY6, XBY2, thiophosphate, DNA' 
# 
loop_
_struct_asym.id 
_struct_asym.pdbx_blank_PDB_chainid_flag 
_struct_asym.pdbx_modified 
_struct_asym.entity_id 
_struct_asym.details 
A N N 1 ? 
B N N 2 ? 
# 
loop_
_struct_ref.id 
_struct_ref.entity_id 
_struct_ref.db_name 
_struct_ref.db_code 
_struct_ref.pdbx_db_accession 
_struct_ref.pdbx_db_isoform 
_struct_ref.pdbx_seq_one_letter_code 
_struct_ref.pdbx_align_begin 
1 1 PDB 1K8N 1K8N ? ? ? 
2 2 PDB 1K8N 1K8N ? ? ? 
# 
loop_
_struct_ref_seq.align_id 
_struct_ref_seq.ref_id 
_struct_ref_seq.pdbx_PDB_id_code 
_struct_ref_seq.pdbx_strand_id 
_struct_ref_seq.seq_align_beg 
_struct_ref_seq.pdbx_seq_align_beg_ins_code 
_struct_ref_seq.seq_align_end 
_struct_ref_seq.pdbx_seq_align_end_ins_code 
_struct_ref_seq.pdbx_db_accession 
_struct_ref_seq.db_align_beg 
_struct_ref_seq.pdbx_db_align_beg_ins_code 
_struct_ref_seq.db_align_end 
_struct_ref_seq.pdbx_db_align_end_ins_code 
_struct_ref_seq.pdbx_auth_seq_align_beg 
_struct_ref_seq.pdbx_auth_seq_align_end 
1 1 1K8N A 1 ? 14 ? 1K8N 1  ? 14 ? 1  14 
2 2 1K8N B 1 ? 14 ? 1K8N 15 ? 28 ? 15 28 
# 
_pdbx_struct_assembly.id                   1 
_pdbx_struct_assembly.details              author_defined_assembly 
_pdbx_struct_assembly.method_details       ? 
_pdbx_struct_assembly.oligomeric_details   dimeric 
_pdbx_struct_assembly.oligomeric_count     2 
# 
_pdbx_struct_assembly_gen.assembly_id       1 
_pdbx_struct_assembly_gen.oper_expression   1 
_pdbx_struct_assembly_gen.asym_id_list      A,B 
# 
_pdbx_struct_oper_list.id                   1 
_pdbx_struct_oper_list.type                 'identity operation' 
_pdbx_struct_oper_list.name                 1_555 
_pdbx_struct_oper_list.symmetry_operation   x,y,z 
_pdbx_struct_oper_list.matrix[1][1]         1.0000000000 
_pdbx_struct_oper_list.matrix[1][2]         0.0000000000 
_pdbx_struct_oper_list.matrix[1][3]         0.0000000000 
_pdbx_struct_oper_list.vector[1]            0.0000000000 
_pdbx_struct_oper_list.matrix[2][1]         0.0000000000 
_pdbx_struct_oper_list.matrix[2][2]         1.0000000000 
_pdbx_struct_oper_list.matrix[2][3]         0.0000000000 
_pdbx_struct_oper_list.vector[2]            0.0000000000 
_pdbx_struct_oper_list.matrix[3][1]         0.0000000000 
_pdbx_struct_oper_list.matrix[3][2]         0.0000000000 
_pdbx_struct_oper_list.matrix[3][3]         1.0000000000 
_pdbx_struct_oper_list.vector[3]            0.0000000000 
# 
_struct_biol.id        1 
_struct_biol.details   ? 
# 
loop_
_struct_conn.id 
_struct_conn.conn_type_id 
_struct_conn.pdbx_leaving_atom_flag 
_struct_conn.pdbx_PDB_id 
_struct_conn.ptnr1_label_asym_id 
_struct_conn.ptnr1_label_comp_id 
_struct_conn.ptnr1_label_seq_id 
_struct_conn.ptnr1_label_atom_id 
_struct_conn.pdbx_ptnr1_label_alt_id 
_struct_conn.pdbx_ptnr1_PDB_ins_code 
_struct_conn.pdbx_ptnr1_standard_comp_id 
_struct_conn.ptnr1_symmetry 
_struct_conn.ptnr2_label_asym_id 
_struct_conn.ptnr2_label_comp_id 
_struct_conn.ptnr2_label_seq_id 
_struct_conn.ptnr2_label_atom_id 
_struct_conn.pdbx_ptnr2_label_alt_id 
_struct_conn.pdbx_ptnr2_PDB_ins_code 
_struct_conn.ptnr1_auth_asym_id 
_struct_conn.ptnr1_auth_comp_id 
_struct_conn.ptnr1_auth_seq_id 
_struct_conn.ptnr2_auth_asym_id 
_struct_conn.ptnr2_auth_comp_id 
_struct_conn.ptnr2_auth_seq_id 
_struct_conn.ptnr2_symmetry 
_struct_conn.pdbx_ptnr3_label_atom_id 
_struct_conn.pdbx_ptnr3_label_seq_id 
_struct_conn.pdbx_ptnr3_label_comp_id 
_struct_conn.pdbx_ptnr3_label_asym_id 
_struct_conn.pdbx_ptnr3_label_alt_id 
_struct_conn.pdbx_ptnr3_PDB_ins_code 
_struct_conn.details 
_struct_conn.pdbx_dist_value 
_struct_conn.pdbx_value_order 
_struct_conn.pdbx_role 
covale1  covale both ? B DT  7  "O3'" ? ? ? 1_555 B C2S 8  P  ? ? B DT  21 B C2S 22 1_555 ? ? ? ? ? ? ?            1.620 ? ? 
covale2  covale both ? B C2S 8  "O3'" ? ? ? 1_555 B DT  9  P  ? ? B C2S 22 B DT  23 1_555 ? ? ? ? ? ? ?            1.616 ? ? 
covale3  covale both ? B DT  9  "O3'" ? ? ? 1_555 B C2S 10 P  ? ? B DT  23 B C2S 24 1_555 ? ? ? ? ? ? ?            1.618 ? ? 
covale4  covale both ? B C2S 10 "O3'" ? ? ? 1_555 B DC  11 P  ? ? B C2S 24 B DC  25 1_555 ? ? ? ? ? ? ?            1.619 ? ? 
hydrog1  hydrog ?    ? A DC  1  N3    ? ? ? 1_555 B DG  14 N1 ? ? A DC  1  B DG  28 1_555 ? ? ? ? ? ? WATSON-CRICK ?     ? ? 
hydrog2  hydrog ?    ? A DC  1  N4    ? ? ? 1_555 B DG  14 O6 ? ? A DC  1  B DG  28 1_555 ? ? ? ? ? ? WATSON-CRICK ?     ? ? 
hydrog3  hydrog ?    ? A DC  1  O2    ? ? ? 1_555 B DG  14 N2 ? ? A DC  1  B DG  28 1_555 ? ? ? ? ? ? WATSON-CRICK ?     ? ? 
hydrog4  hydrog ?    ? A DC  2  N3    ? ? ? 1_555 B DG  13 N1 ? ? A DC  2  B DG  27 1_555 ? ? ? ? ? ? WATSON-CRICK ?     ? ? 
hydrog5  hydrog ?    ? A DC  2  N4    ? ? ? 1_555 B DG  13 O6 ? ? A DC  2  B DG  27 1_555 ? ? ? ? ? ? WATSON-CRICK ?     ? ? 
hydrog6  hydrog ?    ? A DC  2  O2    ? ? ? 1_555 B DG  13 N2 ? ? A DC  2  B DG  27 1_555 ? ? ? ? ? ? WATSON-CRICK ?     ? ? 
hydrog7  hydrog ?    ? A DA  3  N1    ? ? ? 1_555 B DT  12 N3 ? ? A DA  3  B DT  26 1_555 ? ? ? ? ? ? WATSON-CRICK ?     ? ? 
hydrog8  hydrog ?    ? A DA  3  N6    ? ? ? 1_555 B DT  12 O4 ? ? A DA  3  B DT  26 1_555 ? ? ? ? ? ? WATSON-CRICK ?     ? ? 
hydrog9  hydrog ?    ? A DG  4  N1    ? ? ? 1_555 B DC  11 N3 ? ? A DG  4  B DC  25 1_555 ? ? ? ? ? ? WATSON-CRICK ?     ? ? 
hydrog10 hydrog ?    ? A DG  4  N2    ? ? ? 1_555 B DC  11 O2 ? ? A DG  4  B DC  25 1_555 ? ? ? ? ? ? WATSON-CRICK ?     ? ? 
hydrog11 hydrog ?    ? A DG  4  O6    ? ? ? 1_555 B DC  11 N4 ? ? A DG  4  B DC  25 1_555 ? ? ? ? ? ? WATSON-CRICK ?     ? ? 
hydrog12 hydrog ?    ? A DG  5  N1    ? ? ? 1_555 B C2S 10 N3 ? ? A DG  5  B C2S 24 1_555 ? ? ? ? ? ? WATSON-CRICK ?     ? ? 
hydrog13 hydrog ?    ? A DG  5  N2    ? ? ? 1_555 B C2S 10 O2 ? ? A DG  5  B C2S 24 1_555 ? ? ? ? ? ? WATSON-CRICK ?     ? ? 
hydrog14 hydrog ?    ? A DG  5  O6    ? ? ? 1_555 B C2S 10 N4 ? ? A DG  5  B C2S 24 1_555 ? ? ? ? ? ? WATSON-CRICK ?     ? ? 
hydrog15 hydrog ?    ? A DA  6  N1    ? ? ? 1_555 B DT  9  N3 ? ? A DA  6  B DT  23 1_555 ? ? ? ? ? ? WATSON-CRICK ?     ? ? 
hydrog16 hydrog ?    ? A DA  6  N6    ? ? ? 1_555 B DT  9  O4 ? ? A DA  6  B DT  23 1_555 ? ? ? ? ? ? WATSON-CRICK ?     ? ? 
hydrog17 hydrog ?    ? A DG  7  N1    ? ? ? 1_555 B C2S 8  N3 ? ? A DG  7  B C2S 22 1_555 ? ? ? ? ? ? WATSON-CRICK ?     ? ? 
hydrog18 hydrog ?    ? A DG  7  N2    ? ? ? 1_555 B C2S 8  O2 ? ? A DG  7  B C2S 22 1_555 ? ? ? ? ? ? WATSON-CRICK ?     ? ? 
hydrog19 hydrog ?    ? A DG  7  O6    ? ? ? 1_555 B C2S 8  N4 ? ? A DG  7  B C2S 22 1_555 ? ? ? ? ? ? WATSON-CRICK ?     ? ? 
hydrog20 hydrog ?    ? A DA  8  N1    ? ? ? 1_555 B DT  7  N3 ? ? A DA  8  B DT  21 1_555 ? ? ? ? ? ? WATSON-CRICK ?     ? ? 
hydrog21 hydrog ?    ? A DA  8  N6    ? ? ? 1_555 B DT  7  O4 ? ? A DA  8  B DT  21 1_555 ? ? ? ? ? ? WATSON-CRICK ?     ? ? 
hydrog22 hydrog ?    ? A DT  9  N3    ? ? ? 1_555 B DA  6  N1 ? ? A DT  9  B DA  20 1_555 ? ? ? ? ? ? WATSON-CRICK ?     ? ? 
hydrog23 hydrog ?    ? A DT  9  O4    ? ? ? 1_555 B DA  6  N6 ? ? A DT  9  B DA  20 1_555 ? ? ? ? ? ? WATSON-CRICK ?     ? ? 
hydrog24 hydrog ?    ? A DT  10 N3    ? ? ? 1_555 B DA  5  N1 ? ? A DT  10 B DA  19 1_555 ? ? ? ? ? ? WATSON-CRICK ?     ? ? 
hydrog25 hydrog ?    ? A DT  10 O4    ? ? ? 1_555 B DA  5  N6 ? ? A DT  10 B DA  19 1_555 ? ? ? ? ? ? WATSON-CRICK ?     ? ? 
hydrog26 hydrog ?    ? A DC  11 N3    ? ? ? 1_555 B DG  4  N1 ? ? A DC  11 B DG  18 1_555 ? ? ? ? ? ? WATSON-CRICK ?     ? ? 
hydrog27 hydrog ?    ? A DC  11 N4    ? ? ? 1_555 B DG  4  O6 ? ? A DC  11 B DG  18 1_555 ? ? ? ? ? ? WATSON-CRICK ?     ? ? 
hydrog28 hydrog ?    ? A DC  11 O2    ? ? ? 1_555 B DG  4  N2 ? ? A DC  11 B DG  18 1_555 ? ? ? ? ? ? WATSON-CRICK ?     ? ? 
hydrog29 hydrog ?    ? A DC  12 N3    ? ? ? 1_555 B DG  3  N1 ? ? A DC  12 B DG  17 1_555 ? ? ? ? ? ? WATSON-CRICK ?     ? ? 
hydrog30 hydrog ?    ? A DC  12 N4    ? ? ? 1_555 B DG  3  O6 ? ? A DC  12 B DG  17 1_555 ? ? ? ? ? ? WATSON-CRICK ?     ? ? 
hydrog31 hydrog ?    ? A DC  12 O2    ? ? ? 1_555 B DG  3  N2 ? ? A DC  12 B DG  17 1_555 ? ? ? ? ? ? WATSON-CRICK ?     ? ? 
hydrog32 hydrog ?    ? A DA  13 N1    ? ? ? 1_555 B DT  2  N3 ? ? A DA  13 B DT  16 1_555 ? ? ? ? ? ? WATSON-CRICK ?     ? ? 
hydrog33 hydrog ?    ? A DA  13 N6    ? ? ? 1_555 B DT  2  O4 ? ? A DA  13 B DT  16 1_555 ? ? ? ? ? ? WATSON-CRICK ?     ? ? 
hydrog34 hydrog ?    ? A DC  14 N3    ? ? ? 1_555 B DG  1  N1 ? ? A DC  14 B DG  15 1_555 ? ? ? ? ? ? WATSON-CRICK ?     ? ? 
hydrog35 hydrog ?    ? A DC  14 N4    ? ? ? 1_555 B DG  1  O6 ? ? A DC  14 B DG  15 1_555 ? ? ? ? ? ? WATSON-CRICK ?     ? ? 
hydrog36 hydrog ?    ? A DC  14 O2    ? ? ? 1_555 B DG  1  N2 ? ? A DC  14 B DG  15 1_555 ? ? ? ? ? ? WATSON-CRICK ?     ? ? 
# 
loop_
_struct_conn_type.id 
_struct_conn_type.criteria 
_struct_conn_type.reference 
covale ? ? 
hydrog ? ? 
# 
_pdbx_validate_close_contact.id               1 
_pdbx_validate_close_contact.PDB_model_num    1 
_pdbx_validate_close_contact.auth_atom_id_1   "HO5'" 
_pdbx_validate_close_contact.auth_asym_id_1   A 
_pdbx_validate_close_contact.auth_comp_id_1   DC 
_pdbx_validate_close_contact.auth_seq_id_1    1 
_pdbx_validate_close_contact.PDB_ins_code_1   ? 
_pdbx_validate_close_contact.label_alt_id_1   ? 
_pdbx_validate_close_contact.auth_atom_id_2   OP2 
_pdbx_validate_close_contact.auth_asym_id_2   A 
_pdbx_validate_close_contact.auth_comp_id_2   DC 
_pdbx_validate_close_contact.auth_seq_id_2    2 
_pdbx_validate_close_contact.PDB_ins_code_2   ? 
_pdbx_validate_close_contact.label_alt_id_2   ? 
_pdbx_validate_close_contact.dist             1.33 
# 
loop_
_pdbx_validate_rmsd_angle.id 
_pdbx_validate_rmsd_angle.PDB_model_num 
_pdbx_validate_rmsd_angle.auth_atom_id_1 
_pdbx_validate_rmsd_angle.auth_asym_id_1 
_pdbx_validate_rmsd_angle.auth_comp_id_1 
_pdbx_validate_rmsd_angle.auth_seq_id_1 
_pdbx_validate_rmsd_angle.PDB_ins_code_1 
_pdbx_validate_rmsd_angle.label_alt_id_1 
_pdbx_validate_rmsd_angle.auth_atom_id_2 
_pdbx_validate_rmsd_angle.auth_asym_id_2 
_pdbx_validate_rmsd_angle.auth_comp_id_2 
_pdbx_validate_rmsd_angle.auth_seq_id_2 
_pdbx_validate_rmsd_angle.PDB_ins_code_2 
_pdbx_validate_rmsd_angle.label_alt_id_2 
_pdbx_validate_rmsd_angle.auth_atom_id_3 
_pdbx_validate_rmsd_angle.auth_asym_id_3 
_pdbx_validate_rmsd_angle.auth_comp_id_3 
_pdbx_validate_rmsd_angle.auth_seq_id_3 
_pdbx_validate_rmsd_angle.PDB_ins_code_3 
_pdbx_validate_rmsd_angle.label_alt_id_3 
_pdbx_validate_rmsd_angle.angle_value 
_pdbx_validate_rmsd_angle.angle_target_value 
_pdbx_validate_rmsd_angle.angle_deviation 
_pdbx_validate_rmsd_angle.angle_standard_deviation 
_pdbx_validate_rmsd_angle.linker_flag 
1  1 "O4'" A DC 1  ? ? "C1'" A DC 1  ? ? N1 A DC 1  ? ? 113.80 108.30 5.50  0.30 N 
2  1 "O4'" A DC 2  ? ? "C1'" A DC 2  ? ? N1 A DC 2  ? ? 112.46 108.30 4.16  0.30 N 
3  1 C5    A DA 3  ? ? C6    A DA 3  ? ? N1 A DA 3  ? ? 121.05 117.70 3.35  0.50 N 
4  1 "O4'" A DG 4  ? ? "C1'" A DG 4  ? ? N9 A DG 4  ? ? 113.75 108.30 5.45  0.30 N 
5  1 "O4'" A DA 6  ? ? "C1'" A DA 6  ? ? N9 A DA 6  ? ? 112.35 108.30 4.05  0.30 N 
6  1 N1    A DA 6  ? ? C6    A DA 6  ? ? N6 A DA 6  ? ? 114.96 118.60 -3.64 0.60 N 
7  1 "O4'" A DC 12 ? ? "C1'" A DC 12 ? ? N1 A DC 12 ? ? 112.29 108.30 3.99  0.30 N 
8  1 "O4'" B DG 15 ? ? "C1'" B DG 15 ? ? N9 B DG 15 ? ? 111.51 108.30 3.21  0.30 N 
9  1 "O4'" B DG 18 ? ? "C1'" B DG 18 ? ? N9 B DG 18 ? ? 113.22 108.30 4.92  0.30 N 
10 1 "O4'" B DT 21 ? ? "C1'" B DT 21 ? ? N1 B DT 21 ? ? 112.71 108.30 4.41  0.30 N 
11 1 C6    B DT 21 ? ? C5    B DT 21 ? ? C7 B DT 21 ? ? 119.14 122.90 -3.76 0.60 N 
12 1 "O4'" B DT 23 ? ? "C1'" B DT 23 ? ? N1 B DT 23 ? ? 110.94 108.30 2.64  0.30 N 
13 1 C6    B DT 23 ? ? C5    B DT 23 ? ? C7 B DT 23 ? ? 119.03 122.90 -3.87 0.60 N 
14 1 "O4'" B DC 25 ? ? "C1'" B DC 25 ? ? N1 B DC 25 ? ? 112.13 108.30 3.83  0.30 N 
15 1 "O4'" B DT 26 ? ? "C1'" B DT 26 ? ? N1 B DT 26 ? ? 110.20 108.30 1.90  0.30 N 
16 1 "O4'" B DG 27 ? ? "C1'" B DG 27 ? ? N9 B DG 27 ? ? 114.47 108.30 6.17  0.30 N 
17 1 "O4'" B DG 28 ? ? "C1'" B DG 28 ? ? N9 B DG 28 ? ? 110.82 108.30 2.52  0.30 N 
# 
loop_
_pdbx_validate_planes.id 
_pdbx_validate_planes.PDB_model_num 
_pdbx_validate_planes.auth_comp_id 
_pdbx_validate_planes.auth_asym_id 
_pdbx_validate_planes.auth_seq_id 
_pdbx_validate_planes.PDB_ins_code 
_pdbx_validate_planes.label_alt_id 
_pdbx_validate_planes.rmsd 
_pdbx_validate_planes.type 
1 1 DC A 1 ? ? 0.063 'SIDE CHAIN' 
2 1 DC A 2 ? ? 0.067 'SIDE CHAIN' 
3 1 DG A 4 ? ? 0.059 'SIDE CHAIN' 
# 
loop_
_pdbx_struct_mod_residue.id 
_pdbx_struct_mod_residue.label_asym_id 
_pdbx_struct_mod_residue.label_comp_id 
_pdbx_struct_mod_residue.label_seq_id 
_pdbx_struct_mod_residue.auth_asym_id 
_pdbx_struct_mod_residue.auth_comp_id 
_pdbx_struct_mod_residue.auth_seq_id 
_pdbx_struct_mod_residue.PDB_ins_code 
_pdbx_struct_mod_residue.parent_comp_id 
_pdbx_struct_mod_residue.details 
1 B C2S 8  B C2S 22 ? DC "CYTIDINE-5'-DITHIOPHOSPHORATE" 
2 B C2S 10 B C2S 24 ? DC "CYTIDINE-5'-DITHIOPHOSPHORATE" 
# 
_pdbx_nmr_ensemble.entry_id                                      1K8N 
_pdbx_nmr_ensemble.conformers_calculated_total_number            10 
_pdbx_nmr_ensemble.conformers_submitted_total_number             1 
_pdbx_nmr_ensemble.conformer_selection_criteria                  'structures with the lowest energy' 
_pdbx_nmr_ensemble.average_constraints_per_residue               ? 
_pdbx_nmr_ensemble.average_constraint_violations_per_residue     ? 
_pdbx_nmr_ensemble.maximum_distance_constraint_violation         ? 
_pdbx_nmr_ensemble.average_distance_constraint_violation         ? 
_pdbx_nmr_ensemble.maximum_upper_distance_constraint_violation   ? 
_pdbx_nmr_ensemble.maximum_lower_distance_constraint_violation   ? 
_pdbx_nmr_ensemble.distance_constraint_violation_method          ? 
_pdbx_nmr_ensemble.maximum_torsion_angle_constraint_violation    ? 
_pdbx_nmr_ensemble.average_torsion_angle_constraint_violation    ? 
_pdbx_nmr_ensemble.torsion_angle_constraint_violation_method     ? 
# 
_pdbx_nmr_representative.entry_id             1K8N 
_pdbx_nmr_representative.conformer_id         1 
_pdbx_nmr_representative.selection_criteria   'minimized average structure' 
# 
loop_
_pdbx_nmr_sample_details.solution_id 
_pdbx_nmr_sample_details.contents 
_pdbx_nmr_sample_details.solvent_system 
1 '1 mM duplex, 12 mM Na2HPO4, 8 mM NaH2PO4, 56 mM NaCl, 50 uM NaN3' '90% H2O/10% D2O' 
2 '1 mM duplex, 12 mM Na2HPO4,8 mM NaH2PO4, 56 mM NaCl, 50 uM NaN3'  '99.96% D2O'      
# 
loop_
_pdbx_nmr_exptl_sample_conditions.conditions_id 
_pdbx_nmr_exptl_sample_conditions.temperature 
_pdbx_nmr_exptl_sample_conditions.pressure 
_pdbx_nmr_exptl_sample_conditions.pH 
_pdbx_nmr_exptl_sample_conditions.ionic_strength 
_pdbx_nmr_exptl_sample_conditions.pressure_units 
_pdbx_nmr_exptl_sample_conditions.temperature_units 
1 278 ambient 6.7 '100 mM' ? K 
2 288 ambient 6.7 '100 mM' ? K 
# 
loop_
_pdbx_nmr_exptl.experiment_id 
_pdbx_nmr_exptl.solution_id 
_pdbx_nmr_exptl.conditions_id 
_pdbx_nmr_exptl.type 
1 1 1 '2D NOESY' 
2 2 2 '2D NOESY' 
3 2 1 DQF-COSY   
# 
_pdbx_nmr_details.entry_id   1K8N 
_pdbx_nmr_details.text       'Standard 2D homonuclear methods were used' 
# 
_pdbx_nmr_refine.entry_id           1K8N 
_pdbx_nmr_refine.method             'molecular dynamics' 
_pdbx_nmr_refine.details            
;Distance restraints were derived by MORASS 2.5 using a total relaxation 
matrix method. The deposited structure represents the average of 10 final 
structures
;
_pdbx_nmr_refine.software_ordinal   1 
# 
loop_
_pdbx_nmr_software.name 
_pdbx_nmr_software.version 
_pdbx_nmr_software.classification 
_pdbx_nmr_software.authors 
_pdbx_nmr_software.ordinal 
MORASS 2.5 'iterative matrix relaxation' Gorenstein         1 
Amber  5   'structure solution'          'Case and Kollman' 2 
Amber  5   refinement                    'Case and Kollman' 3 
# 
loop_
_chem_comp_atom.comp_id 
_chem_comp_atom.atom_id 
_chem_comp_atom.type_symbol 
_chem_comp_atom.pdbx_aromatic_flag 
_chem_comp_atom.pdbx_stereo_config 
_chem_comp_atom.pdbx_ordinal 
C2S OP3    O N N 1   
C2S P      P N S 2   
C2S S1P    S N N 3   
C2S S2P    S N N 4   
C2S "O5'"  O N N 5   
C2S "C5'"  C N N 6   
C2S "C4'"  C N R 7   
C2S "O4'"  O N N 8   
C2S "C3'"  C N S 9   
C2S "O3'"  O N N 10  
C2S "C2'"  C N N 11  
C2S "C1'"  C N R 12  
C2S N1     N N N 13  
C2S C2     C N N 14  
C2S O2     O N N 15  
C2S N3     N N N 16  
C2S C4     C N N 17  
C2S N4     N N N 18  
C2S C5     C N N 19  
C2S C6     C N N 20  
C2S HOP3   H N N 21  
C2S HOP2   H N N 22  
C2S "H5'"  H N N 23  
C2S "H5''" H N N 24  
C2S "H4'"  H N N 25  
C2S "H3'"  H N N 26  
C2S "HO3'" H N N 27  
C2S "H2'1" H N N 28  
C2S "H1'"  H N N 29  
C2S H41    H N N 30  
C2S H42    H N N 31  
C2S H5     H N N 32  
C2S H6     H N N 33  
C2S "H2'2" H N N 34  
DA  OP3    O N N 35  
DA  P      P N N 36  
DA  OP1    O N N 37  
DA  OP2    O N N 38  
DA  "O5'"  O N N 39  
DA  "C5'"  C N N 40  
DA  "C4'"  C N R 41  
DA  "O4'"  O N N 42  
DA  "C3'"  C N S 43  
DA  "O3'"  O N N 44  
DA  "C2'"  C N N 45  
DA  "C1'"  C N R 46  
DA  N9     N Y N 47  
DA  C8     C Y N 48  
DA  N7     N Y N 49  
DA  C5     C Y N 50  
DA  C6     C Y N 51  
DA  N6     N N N 52  
DA  N1     N Y N 53  
DA  C2     C Y N 54  
DA  N3     N Y N 55  
DA  C4     C Y N 56  
DA  HOP3   H N N 57  
DA  HOP2   H N N 58  
DA  "H5'"  H N N 59  
DA  "H5''" H N N 60  
DA  "H4'"  H N N 61  
DA  "H3'"  H N N 62  
DA  "HO3'" H N N 63  
DA  "H2'"  H N N 64  
DA  "H2''" H N N 65  
DA  "H1'"  H N N 66  
DA  H8     H N N 67  
DA  H61    H N N 68  
DA  H62    H N N 69  
DA  H2     H N N 70  
DC  OP3    O N N 71  
DC  P      P N N 72  
DC  OP1    O N N 73  
DC  OP2    O N N 74  
DC  "O5'"  O N N 75  
DC  "C5'"  C N N 76  
DC  "C4'"  C N R 77  
DC  "O4'"  O N N 78  
DC  "C3'"  C N S 79  
DC  "O3'"  O N N 80  
DC  "C2'"  C N N 81  
DC  "C1'"  C N R 82  
DC  N1     N N N 83  
DC  C2     C N N 84  
DC  O2     O N N 85  
DC  N3     N N N 86  
DC  C4     C N N 87  
DC  N4     N N N 88  
DC  C5     C N N 89  
DC  C6     C N N 90  
DC  HOP3   H N N 91  
DC  HOP2   H N N 92  
DC  "H5'"  H N N 93  
DC  "H5''" H N N 94  
DC  "H4'"  H N N 95  
DC  "H3'"  H N N 96  
DC  "HO3'" H N N 97  
DC  "H2'"  H N N 98  
DC  "H2''" H N N 99  
DC  "H1'"  H N N 100 
DC  H41    H N N 101 
DC  H42    H N N 102 
DC  H5     H N N 103 
DC  H6     H N N 104 
DG  OP3    O N N 105 
DG  P      P N N 106 
DG  OP1    O N N 107 
DG  OP2    O N N 108 
DG  "O5'"  O N N 109 
DG  "C5'"  C N N 110 
DG  "C4'"  C N R 111 
DG  "O4'"  O N N 112 
DG  "C3'"  C N S 113 
DG  "O3'"  O N N 114 
DG  "C2'"  C N N 115 
DG  "C1'"  C N R 116 
DG  N9     N Y N 117 
DG  C8     C Y N 118 
DG  N7     N Y N 119 
DG  C5     C Y N 120 
DG  C6     C N N 121 
DG  O6     O N N 122 
DG  N1     N N N 123 
DG  C2     C N N 124 
DG  N2     N N N 125 
DG  N3     N N N 126 
DG  C4     C Y N 127 
DG  HOP3   H N N 128 
DG  HOP2   H N N 129 
DG  "H5'"  H N N 130 
DG  "H5''" H N N 131 
DG  "H4'"  H N N 132 
DG  "H3'"  H N N 133 
DG  "HO3'" H N N 134 
DG  "H2'"  H N N 135 
DG  "H2''" H N N 136 
DG  "H1'"  H N N 137 
DG  H8     H N N 138 
DG  H1     H N N 139 
DG  H21    H N N 140 
DG  H22    H N N 141 
DT  OP3    O N N 142 
DT  P      P N N 143 
DT  OP1    O N N 144 
DT  OP2    O N N 145 
DT  "O5'"  O N N 146 
DT  "C5'"  C N N 147 
DT  "C4'"  C N R 148 
DT  "O4'"  O N N 149 
DT  "C3'"  C N S 150 
DT  "O3'"  O N N 151 
DT  "C2'"  C N N 152 
DT  "C1'"  C N R 153 
DT  N1     N N N 154 
DT  C2     C N N 155 
DT  O2     O N N 156 
DT  N3     N N N 157 
DT  C4     C N N 158 
DT  O4     O N N 159 
DT  C5     C N N 160 
DT  C7     C N N 161 
DT  C6     C N N 162 
DT  HOP3   H N N 163 
DT  HOP2   H N N 164 
DT  "H5'"  H N N 165 
DT  "H5''" H N N 166 
DT  "H4'"  H N N 167 
DT  "H3'"  H N N 168 
DT  "HO3'" H N N 169 
DT  "H2'"  H N N 170 
DT  "H2''" H N N 171 
DT  "H1'"  H N N 172 
DT  H3     H N N 173 
DT  H71    H N N 174 
DT  H72    H N N 175 
DT  H73    H N N 176 
DT  H6     H N N 177 
# 
loop_
_chem_comp_bond.comp_id 
_chem_comp_bond.atom_id_1 
_chem_comp_bond.atom_id_2 
_chem_comp_bond.value_order 
_chem_comp_bond.pdbx_aromatic_flag 
_chem_comp_bond.pdbx_stereo_config 
_chem_comp_bond.pdbx_ordinal 
C2S OP3   P      sing N N 1   
C2S OP3   HOP3   sing N N 2   
C2S P     S1P    doub N N 3   
C2S P     S2P    sing N N 4   
C2S P     "O5'"  sing N N 5   
C2S S2P   HOP2   sing N N 6   
C2S "O5'" "C5'"  sing N N 7   
C2S "C5'" "C4'"  sing N N 8   
C2S "C5'" "H5'"  sing N N 9   
C2S "C5'" "H5''" sing N N 10  
C2S "C4'" "O4'"  sing N N 11  
C2S "C4'" "C3'"  sing N N 12  
C2S "C4'" "H4'"  sing N N 13  
C2S "O4'" "C1'"  sing N N 14  
C2S "C3'" "O3'"  sing N N 15  
C2S "C3'" "C2'"  sing N N 16  
C2S "C3'" "H3'"  sing N N 17  
C2S "O3'" "HO3'" sing N N 18  
C2S "C2'" "C1'"  sing N N 19  
C2S "C2'" "H2'1" sing N N 20  
C2S "C1'" N1     sing N N 21  
C2S "C1'" "H1'"  sing N N 22  
C2S N1    C2     sing N N 23  
C2S N1    C6     sing N N 24  
C2S C2    O2     doub N N 25  
C2S C2    N3     sing N N 26  
C2S N3    C4     doub N N 27  
C2S C4    N4     sing N N 28  
C2S C4    C5     sing N N 29  
C2S N4    H41    sing N N 30  
C2S N4    H42    sing N N 31  
C2S C5    C6     doub N N 32  
C2S C5    H5     sing N N 33  
C2S C6    H6     sing N N 34  
C2S "C2'" "H2'2" sing N N 35  
DA  OP3   P      sing N N 36  
DA  OP3   HOP3   sing N N 37  
DA  P     OP1    doub N N 38  
DA  P     OP2    sing N N 39  
DA  P     "O5'"  sing N N 40  
DA  OP2   HOP2   sing N N 41  
DA  "O5'" "C5'"  sing N N 42  
DA  "C5'" "C4'"  sing N N 43  
DA  "C5'" "H5'"  sing N N 44  
DA  "C5'" "H5''" sing N N 45  
DA  "C4'" "O4'"  sing N N 46  
DA  "C4'" "C3'"  sing N N 47  
DA  "C4'" "H4'"  sing N N 48  
DA  "O4'" "C1'"  sing N N 49  
DA  "C3'" "O3'"  sing N N 50  
DA  "C3'" "C2'"  sing N N 51  
DA  "C3'" "H3'"  sing N N 52  
DA  "O3'" "HO3'" sing N N 53  
DA  "C2'" "C1'"  sing N N 54  
DA  "C2'" "H2'"  sing N N 55  
DA  "C2'" "H2''" sing N N 56  
DA  "C1'" N9     sing N N 57  
DA  "C1'" "H1'"  sing N N 58  
DA  N9    C8     sing Y N 59  
DA  N9    C4     sing Y N 60  
DA  C8    N7     doub Y N 61  
DA  C8    H8     sing N N 62  
DA  N7    C5     sing Y N 63  
DA  C5    C6     sing Y N 64  
DA  C5    C4     doub Y N 65  
DA  C6    N6     sing N N 66  
DA  C6    N1     doub Y N 67  
DA  N6    H61    sing N N 68  
DA  N6    H62    sing N N 69  
DA  N1    C2     sing Y N 70  
DA  C2    N3     doub Y N 71  
DA  C2    H2     sing N N 72  
DA  N3    C4     sing Y N 73  
DC  OP3   P      sing N N 74  
DC  OP3   HOP3   sing N N 75  
DC  P     OP1    doub N N 76  
DC  P     OP2    sing N N 77  
DC  P     "O5'"  sing N N 78  
DC  OP2   HOP2   sing N N 79  
DC  "O5'" "C5'"  sing N N 80  
DC  "C5'" "C4'"  sing N N 81  
DC  "C5'" "H5'"  sing N N 82  
DC  "C5'" "H5''" sing N N 83  
DC  "C4'" "O4'"  sing N N 84  
DC  "C4'" "C3'"  sing N N 85  
DC  "C4'" "H4'"  sing N N 86  
DC  "O4'" "C1'"  sing N N 87  
DC  "C3'" "O3'"  sing N N 88  
DC  "C3'" "C2'"  sing N N 89  
DC  "C3'" "H3'"  sing N N 90  
DC  "O3'" "HO3'" sing N N 91  
DC  "C2'" "C1'"  sing N N 92  
DC  "C2'" "H2'"  sing N N 93  
DC  "C2'" "H2''" sing N N 94  
DC  "C1'" N1     sing N N 95  
DC  "C1'" "H1'"  sing N N 96  
DC  N1    C2     sing N N 97  
DC  N1    C6     sing N N 98  
DC  C2    O2     doub N N 99  
DC  C2    N3     sing N N 100 
DC  N3    C4     doub N N 101 
DC  C4    N4     sing N N 102 
DC  C4    C5     sing N N 103 
DC  N4    H41    sing N N 104 
DC  N4    H42    sing N N 105 
DC  C5    C6     doub N N 106 
DC  C5    H5     sing N N 107 
DC  C6    H6     sing N N 108 
DG  OP3   P      sing N N 109 
DG  OP3   HOP3   sing N N 110 
DG  P     OP1    doub N N 111 
DG  P     OP2    sing N N 112 
DG  P     "O5'"  sing N N 113 
DG  OP2   HOP2   sing N N 114 
DG  "O5'" "C5'"  sing N N 115 
DG  "C5'" "C4'"  sing N N 116 
DG  "C5'" "H5'"  sing N N 117 
DG  "C5'" "H5''" sing N N 118 
DG  "C4'" "O4'"  sing N N 119 
DG  "C4'" "C3'"  sing N N 120 
DG  "C4'" "H4'"  sing N N 121 
DG  "O4'" "C1'"  sing N N 122 
DG  "C3'" "O3'"  sing N N 123 
DG  "C3'" "C2'"  sing N N 124 
DG  "C3'" "H3'"  sing N N 125 
DG  "O3'" "HO3'" sing N N 126 
DG  "C2'" "C1'"  sing N N 127 
DG  "C2'" "H2'"  sing N N 128 
DG  "C2'" "H2''" sing N N 129 
DG  "C1'" N9     sing N N 130 
DG  "C1'" "H1'"  sing N N 131 
DG  N9    C8     sing Y N 132 
DG  N9    C4     sing Y N 133 
DG  C8    N7     doub Y N 134 
DG  C8    H8     sing N N 135 
DG  N7    C5     sing Y N 136 
DG  C5    C6     sing N N 137 
DG  C5    C4     doub Y N 138 
DG  C6    O6     doub N N 139 
DG  C6    N1     sing N N 140 
DG  N1    C2     sing N N 141 
DG  N1    H1     sing N N 142 
DG  C2    N2     sing N N 143 
DG  C2    N3     doub N N 144 
DG  N2    H21    sing N N 145 
DG  N2    H22    sing N N 146 
DG  N3    C4     sing N N 147 
DT  OP3   P      sing N N 148 
DT  OP3   HOP3   sing N N 149 
DT  P     OP1    doub N N 150 
DT  P     OP2    sing N N 151 
DT  P     "O5'"  sing N N 152 
DT  OP2   HOP2   sing N N 153 
DT  "O5'" "C5'"  sing N N 154 
DT  "C5'" "C4'"  sing N N 155 
DT  "C5'" "H5'"  sing N N 156 
DT  "C5'" "H5''" sing N N 157 
DT  "C4'" "O4'"  sing N N 158 
DT  "C4'" "C3'"  sing N N 159 
DT  "C4'" "H4'"  sing N N 160 
DT  "O4'" "C1'"  sing N N 161 
DT  "C3'" "O3'"  sing N N 162 
DT  "C3'" "C2'"  sing N N 163 
DT  "C3'" "H3'"  sing N N 164 
DT  "O3'" "HO3'" sing N N 165 
DT  "C2'" "C1'"  sing N N 166 
DT  "C2'" "H2'"  sing N N 167 
DT  "C2'" "H2''" sing N N 168 
DT  "C1'" N1     sing N N 169 
DT  "C1'" "H1'"  sing N N 170 
DT  N1    C2     sing N N 171 
DT  N1    C6     sing N N 172 
DT  C2    O2     doub N N 173 
DT  C2    N3     sing N N 174 
DT  N3    C4     sing N N 175 
DT  N3    H3     sing N N 176 
DT  C4    O4     doub N N 177 
DT  C4    C5     sing N N 178 
DT  C5    C7     sing N N 179 
DT  C5    C6     doub N N 180 
DT  C7    H71    sing N N 181 
DT  C7    H72    sing N N 182 
DT  C7    H73    sing N N 183 
DT  C6    H6     sing N N 184 
# 
loop_
_ndb_struct_conf_na.entry_id 
_ndb_struct_conf_na.feature 
1K8N 'double helix'        
1K8N 'b-form double helix' 
# 
loop_
_ndb_struct_na_base_pair.model_number 
_ndb_struct_na_base_pair.i_label_asym_id 
_ndb_struct_na_base_pair.i_label_comp_id 
_ndb_struct_na_base_pair.i_label_seq_id 
_ndb_struct_na_base_pair.i_symmetry 
_ndb_struct_na_base_pair.j_label_asym_id 
_ndb_struct_na_base_pair.j_label_comp_id 
_ndb_struct_na_base_pair.j_label_seq_id 
_ndb_struct_na_base_pair.j_symmetry 
_ndb_struct_na_base_pair.shear 
_ndb_struct_na_base_pair.stretch 
_ndb_struct_na_base_pair.stagger 
_ndb_struct_na_base_pair.buckle 
_ndb_struct_na_base_pair.propeller 
_ndb_struct_na_base_pair.opening 
_ndb_struct_na_base_pair.pair_number 
_ndb_struct_na_base_pair.pair_name 
_ndb_struct_na_base_pair.i_auth_asym_id 
_ndb_struct_na_base_pair.i_auth_seq_id 
_ndb_struct_na_base_pair.i_PDB_ins_code 
_ndb_struct_na_base_pair.j_auth_asym_id 
_ndb_struct_na_base_pair.j_auth_seq_id 
_ndb_struct_na_base_pair.j_PDB_ins_code 
_ndb_struct_na_base_pair.hbond_type_28 
_ndb_struct_na_base_pair.hbond_type_12 
1 A DC 1  1_555 B DG  14 1_555 0.650  -0.140 -0.607 33.540 -17.943 1.266  1  A_DC1:DG28_B  A 1  ? B 28 ? 19 1 
1 A DC 2  1_555 B DG  13 1_555 0.386  -0.226 -0.315 3.532  8.410   -1.320 2  A_DC2:DG27_B  A 2  ? B 27 ? 19 1 
1 A DA 3  1_555 B DT  12 1_555 0.412  -0.015 -0.282 -2.377 -1.949  -5.926 3  A_DA3:DT26_B  A 3  ? B 26 ? 20 1 
1 A DG 4  1_555 B DC  11 1_555 -0.447 -0.211 -0.063 11.403 0.047   0.826  4  A_DG4:DC25_B  A 4  ? B 25 ? 19 1 
1 A DG 5  1_555 B C2S 10 1_555 -0.302 -0.145 0.291  17.891 4.489   -0.719 5  A_DG5:C2S24_B A 5  ? B 24 ? 19 1 
1 A DA 6  1_555 B DT  9  1_555 0.043  -0.143 -0.219 17.601 -13.297 1.959  6  A_DA6:DT23_B  A 6  ? B 23 ? 20 1 
1 A DG 7  1_555 B C2S 8  1_555 -0.294 -0.197 -0.138 2.674  -4.831  -0.823 7  A_DG7:C2S22_B A 7  ? B 22 ? 19 1 
1 A DA 8  1_555 B DT  7  1_555 0.073  -0.109 0.083  4.209  -11.873 -2.042 8  A_DA8:DT21_B  A 8  ? B 21 ? 20 1 
1 A DT 9  1_555 B DA  6  1_555 -0.166 -0.094 0.039  -1.331 -12.268 -4.791 9  A_DT9:DA20_B  A 9  ? B 20 ? 20 1 
1 A DT 10 1_555 B DA  5  1_555 -0.183 -0.099 -0.198 -0.607 -12.855 -2.865 10 A_DT10:DA19_B A 10 ? B 19 ? 20 1 
1 A DC 11 1_555 B DG  4  1_555 0.338  -0.211 -0.055 -8.160 -3.718  -0.723 11 A_DC11:DG18_B A 11 ? B 18 ? 19 1 
1 A DC 12 1_555 B DG  3  1_555 0.384  -0.206 0.175  -6.008 -1.402  -0.014 12 A_DC12:DG17_B A 12 ? B 17 ? 19 1 
1 A DA 13 1_555 B DT  2  1_555 0.108  -0.115 0.058  4.726  -6.327  -1.609 13 A_DA13:DT16_B A 13 ? B 16 ? 20 1 
1 A DC 14 1_555 B DG  1  1_555 0.507  -0.240 0.207  0.610  -4.148  -0.040 14 A_DC14:DG15_B A 14 ? B 15 ? 19 1 
# 
loop_
_ndb_struct_na_base_pair_step.model_number 
_ndb_struct_na_base_pair_step.i_label_asym_id_1 
_ndb_struct_na_base_pair_step.i_label_comp_id_1 
_ndb_struct_na_base_pair_step.i_label_seq_id_1 
_ndb_struct_na_base_pair_step.i_symmetry_1 
_ndb_struct_na_base_pair_step.j_label_asym_id_1 
_ndb_struct_na_base_pair_step.j_label_comp_id_1 
_ndb_struct_na_base_pair_step.j_label_seq_id_1 
_ndb_struct_na_base_pair_step.j_symmetry_1 
_ndb_struct_na_base_pair_step.i_label_asym_id_2 
_ndb_struct_na_base_pair_step.i_label_comp_id_2 
_ndb_struct_na_base_pair_step.i_label_seq_id_2 
_ndb_struct_na_base_pair_step.i_symmetry_2 
_ndb_struct_na_base_pair_step.j_label_asym_id_2 
_ndb_struct_na_base_pair_step.j_label_comp_id_2 
_ndb_struct_na_base_pair_step.j_label_seq_id_2 
_ndb_struct_na_base_pair_step.j_symmetry_2 
_ndb_struct_na_base_pair_step.shift 
_ndb_struct_na_base_pair_step.slide 
_ndb_struct_na_base_pair_step.rise 
_ndb_struct_na_base_pair_step.tilt 
_ndb_struct_na_base_pair_step.roll 
_ndb_struct_na_base_pair_step.twist 
_ndb_struct_na_base_pair_step.x_displacement 
_ndb_struct_na_base_pair_step.y_displacement 
_ndb_struct_na_base_pair_step.helical_rise 
_ndb_struct_na_base_pair_step.inclination 
_ndb_struct_na_base_pair_step.tip 
_ndb_struct_na_base_pair_step.helical_twist 
_ndb_struct_na_base_pair_step.step_number 
_ndb_struct_na_base_pair_step.step_name 
_ndb_struct_na_base_pair_step.i_auth_asym_id_1 
_ndb_struct_na_base_pair_step.i_auth_seq_id_1 
_ndb_struct_na_base_pair_step.i_PDB_ins_code_1 
_ndb_struct_na_base_pair_step.j_auth_asym_id_1 
_ndb_struct_na_base_pair_step.j_auth_seq_id_1 
_ndb_struct_na_base_pair_step.j_PDB_ins_code_1 
_ndb_struct_na_base_pair_step.i_auth_asym_id_2 
_ndb_struct_na_base_pair_step.i_auth_seq_id_2 
_ndb_struct_na_base_pair_step.i_PDB_ins_code_2 
_ndb_struct_na_base_pair_step.j_auth_asym_id_2 
_ndb_struct_na_base_pair_step.j_auth_seq_id_2 
_ndb_struct_na_base_pair_step.j_PDB_ins_code_2 
1 A DC 1  1_555 B DG  14 1_555 A DC 2  1_555 B DG  13 1_555 0.473  -1.336 6.281 -7.874 -2.156 37.194 -1.523 -2.645 6.124 -3.331 
12.165 38.049 1  AA_DC1DC2:DG27DG28_BB   A 1  ? B 28 ? A 2  ? B 27 ? 
1 A DC 2  1_555 B DG  13 1_555 A DA 3  1_555 B DT  12 1_555 -1.595 -0.560 3.597 -1.511 -3.284 33.594 -0.369 2.472  3.700 -5.661 
2.604  33.783 2  AA_DC2DA3:DT26DG27_BB   A 2  ? B 27 ? A 3  ? B 26 ? 
1 A DA 3  1_555 B DT  12 1_555 A DG 4  1_555 B DC  11 1_555 1.125  -1.021 3.144 -3.947 -3.753 23.119 -1.296 -3.981 3.037 -9.200 
9.678  23.744 3  AA_DA3DG4:DC25DT26_BB   A 3  ? B 26 ? A 4  ? B 25 ? 
1 A DG 4  1_555 B DC  11 1_555 A DG 5  1_555 B C2S 10 1_555 -1.076 -0.684 3.252 -6.157 -5.857 38.174 -0.293 0.841  3.442 -8.822 
9.274  39.073 4  AA_DG4DG5:C2S24DC25_BB  A 4  ? B 25 ? A 5  ? B 24 ? 
1 A DG 5  1_555 B C2S 10 1_555 A DA 6  1_555 B DT  9  1_555 -0.025 -1.246 3.356 1.298  8.565  27.023 -4.460 0.342  2.832 17.758 
-2.692 28.352 5  AA_DG5DA6:DT23C2S24_BB  A 5  ? B 24 ? A 6  ? B 23 ? 
1 A DA 6  1_555 B DT  9  1_555 A DG 7  1_555 B C2S 8  1_555 -1.883 -0.182 3.398 -8.820 13.604 37.351 -1.926 1.636  3.472 20.122 
13.045 40.603 6  AA_DA6DG7:C2S22DT23_BB  A 6  ? B 23 ? A 7  ? B 22 ? 
1 A DG 7  1_555 B C2S 8  1_555 A DA 8  1_555 B DT  7  1_555 0.099  -0.284 3.265 -3.151 6.870  34.520 -1.474 -0.625 3.132 11.408 
5.232  35.313 7  AA_DG7DA8:DT21C2S22_BB  A 7  ? B 22 ? A 8  ? B 21 ? 
1 A DA 8  1_555 B DT  7  1_555 A DT 9  1_555 B DA  6  1_555 -0.750 -1.136 3.384 -0.880 2.522  29.680 -2.747 1.270  3.298 4.912  
1.714  29.797 8  AA_DA8DT9:DA20DT21_BB   A 8  ? B 21 ? A 9  ? B 20 ? 
1 A DT 9  1_555 B DA  6  1_555 A DT 10 1_555 B DA  5  1_555 0.018  -0.373 3.154 2.734  1.108  37.563 -0.715 0.313  3.136 1.717  
-4.238 37.675 9  AA_DT9DT10:DA19DA20_BB  A 9  ? B 20 ? A 10 ? B 19 ? 
1 A DT 10 1_555 B DA  5  1_555 A DC 11 1_555 B DG  4  1_555 0.611  0.257  3.410 0.596  2.338  46.561 0.120  -0.720 3.426 2.956  
-0.753 46.620 10 AA_DT10DC11:DG18DA19_BB A 10 ? B 19 ? A 11 ? B 18 ? 
1 A DC 11 1_555 B DG  4  1_555 A DC 12 1_555 B DG  3  1_555 -0.118 -1.014 3.256 -1.519 0.742  25.386 -2.515 -0.166 3.227 1.687  
3.451  25.442 11 AA_DC11DC12:DG17DG18_BB A 11 ? B 18 ? A 12 ? B 17 ? 
1 A DC 12 1_555 B DG  3  1_555 A DA 13 1_555 B DT  2  1_555 0.444  0.294  2.993 5.649  1.565  38.721 0.264  -0.036 3.035 2.344  
-8.461 39.145 12 AA_DC12DA13:DT16DG17_BB A 12 ? B 17 ? A 13 ? B 16 ? 
1 A DA 13 1_555 B DT  2  1_555 A DC 14 1_555 B DG  1  1_555 0.214  -0.949 3.482 -3.851 -5.175 42.001 -0.744 -0.717 3.537 -7.170 
5.335  42.471 13 AA_DA13DC14:DG15DT16_BB A 13 ? B 16 ? A 14 ? B 15 ? 
# 
loop_
_pdbx_nmr_spectrometer.spectrometer_id 
_pdbx_nmr_spectrometer.type 
_pdbx_nmr_spectrometer.manufacturer 
_pdbx_nmr_spectrometer.model 
_pdbx_nmr_spectrometer.field_strength 
1 ? Varian UNITYPLUS 750 
2 ? Varian UNITYPLUS 600 
# 
_atom_sites.entry_id                    1K8N 
_atom_sites.fract_transf_matrix[1][1]   1.000000 
_atom_sites.fract_transf_matrix[1][2]   0.000000 
_atom_sites.fract_transf_matrix[1][3]   0.000000 
_atom_sites.fract_transf_matrix[2][1]   0.000000 
_atom_sites.fract_transf_matrix[2][2]   1.000000 
_atom_sites.fract_transf_matrix[2][3]   0.000000 
_atom_sites.fract_transf_matrix[3][1]   0.000000 
_atom_sites.fract_transf_matrix[3][2]   0.000000 
_atom_sites.fract_transf_matrix[3][3]   1.000000 
_atom_sites.fract_transf_vector[1]      0.00000 
_atom_sites.fract_transf_vector[2]      0.00000 
_atom_sites.fract_transf_vector[3]      0.00000 
# 
loop_
_atom_type.symbol 
C 
H 
N 
O 
P 
S 
# 
loop_
_atom_site.group_PDB 
_atom_site.id 
_atom_site.type_symbol 
_atom_site.label_atom_id 
_atom_site.label_alt_id 
_atom_site.label_comp_id 
_atom_site.label_asym_id 
_atom_site.label_entity_id 
_atom_site.label_seq_id 
_atom_site.pdbx_PDB_ins_code 
_atom_site.Cartn_x 
_atom_site.Cartn_y 
_atom_site.Cartn_z 
_atom_site.occupancy 
_atom_site.B_iso_or_equiv 
_atom_site.pdbx_formal_charge 
_atom_site.auth_seq_id 
_atom_site.auth_comp_id 
_atom_site.auth_asym_id 
_atom_site.auth_atom_id 
_atom_site.pdbx_PDB_model_num 
ATOM   1   O "O5'"  . DC  A 1 1  ? 6.421   5.245   22.062  1.00 10.00 ? 1  DC  A "O5'"  1 
ATOM   2   C "C5'"  . DC  A 1 1  ? 6.208   3.868   22.340  1.00 10.00 ? 1  DC  A "C5'"  1 
ATOM   3   C "C4'"  . DC  A 1 1  ? 7.511   3.067   22.238  1.00 10.00 ? 1  DC  A "C4'"  1 
ATOM   4   O "O4'"  . DC  A 1 1  ? 7.399   1.798   22.867  1.00 10.00 ? 1  DC  A "O4'"  1 
ATOM   5   C "C3'"  . DC  A 1 1  ? 7.923   2.782   20.788  1.00 10.00 ? 1  DC  A "C3'"  1 
ATOM   6   O "O3'"  . DC  A 1 1  ? 9.118   3.470   20.489  1.00 10.00 ? 1  DC  A "O3'"  1 
ATOM   7   C "C2'"  . DC  A 1 1  ? 8.160   1.282   20.752  1.00 10.00 ? 1  DC  A "C2'"  1 
ATOM   8   C "C1'"  . DC  A 1 1  ? 8.338   0.950   22.229  1.00 10.00 ? 1  DC  A "C1'"  1 
ATOM   9   N N1     . DC  A 1 1  ? 8.092   -0.499  22.459  1.00 10.00 ? 1  DC  A N1     1 
ATOM   10  C C2     . DC  A 1 1  ? 9.095   -1.401  22.086  1.00 10.00 ? 1  DC  A C2     1 
ATOM   11  O O2     . DC  A 1 1  ? 10.199  -1.018  21.699  1.00 10.00 ? 1  DC  A O2     1 
ATOM   12  N N3     . DC  A 1 1  ? 8.853   -2.733  22.102  1.00 10.00 ? 1  DC  A N3     1 
ATOM   13  C C4     . DC  A 1 1  ? 7.667   -3.174  22.481  1.00 10.00 ? 1  DC  A C4     1 
ATOM   14  N N4     . DC  A 1 1  ? 7.490   -4.468  22.399  1.00 10.00 ? 1  DC  A N4     1 
ATOM   15  C C5     . DC  A 1 1  ? 6.617   -2.303  22.904  1.00 10.00 ? 1  DC  A C5     1 
ATOM   16  C C6     . DC  A 1 1  ? 6.868   -0.968  22.878  1.00 10.00 ? 1  DC  A C6     1 
ATOM   17  H "H5'"  . DC  A 1 1  ? 5.468   3.458   21.653  1.00 10.00 ? 1  DC  A "H5'"  1 
ATOM   18  H "H5''" . DC  A 1 1  ? 5.824   3.780   23.357  1.00 10.00 ? 1  DC  A "H5''" 1 
ATOM   19  H "H4'"  . DC  A 1 1  ? 8.308   3.630   22.726  1.00 10.00 ? 1  DC  A "H4'"  1 
ATOM   20  H "H3'"  . DC  A 1 1  ? 7.132   3.039   20.080  1.00 10.00 ? 1  DC  A "H3'"  1 
ATOM   21  H "H2'"  . DC  A 1 1  ? 7.271   0.785   20.366  1.00 10.00 ? 1  DC  A "H2'"  1 
ATOM   22  H "H2''" . DC  A 1 1  ? 9.039   1.024   20.158  1.00 10.00 ? 1  DC  A "H2''" 1 
ATOM   23  H "H1'"  . DC  A 1 1  ? 9.357   1.215   22.531  1.00 10.00 ? 1  DC  A "H1'"  1 
ATOM   24  H H41    . DC  A 1 1  ? 8.268   -4.986  21.977  1.00 10.00 ? 1  DC  A H41    1 
ATOM   25  H H42    . DC  A 1 1  ? 6.609   -4.893  22.610  1.00 10.00 ? 1  DC  A H42    1 
ATOM   26  H H5     . DC  A 1 1  ? 5.653   -2.670  23.216  1.00 10.00 ? 1  DC  A H5     1 
ATOM   27  H H6     . DC  A 1 1  ? 6.103   -0.256  23.167  1.00 10.00 ? 1  DC  A H6     1 
ATOM   28  H "HO5'" . DC  A 1 1  ? 7.007   5.376   21.211  1.00 10.00 ? 1  DC  A "HO5'" 1 
ATOM   29  P P      . DC  A 1 2  ? 9.046   4.864   19.702  1.00 10.00 ? 2  DC  A P      1 
ATOM   30  O OP1    . DC  A 1 2  ? 10.351  5.545   19.821  1.00 10.00 ? 2  DC  A OP1    1 
ATOM   31  O OP2    . DC  A 1 2  ? 7.798   5.534   20.147  1.00 10.00 ? 2  DC  A OP2    1 
ATOM   32  O "O5'"  . DC  A 1 2  ? 8.853   4.297   18.209  1.00 10.00 ? 2  DC  A "O5'"  1 
ATOM   33  C "C5'"  . DC  A 1 2  ? 9.958   3.760   17.496  1.00 10.00 ? 2  DC  A "C5'"  1 
ATOM   34  C "C4'"  . DC  A 1 2  ? 9.543   2.740   16.429  1.00 10.00 ? 2  DC  A "C4'"  1 
ATOM   35  O "O4'"  . DC  A 1 2  ? 9.056   1.541   17.027  1.00 10.00 ? 2  DC  A "O4'"  1 
ATOM   36  C "C3'"  . DC  A 1 2  ? 8.451   3.240   15.465  1.00 10.00 ? 2  DC  A "C3'"  1 
ATOM   37  O "O3'"  . DC  A 1 2  ? 8.807   3.014   14.116  1.00 10.00 ? 2  DC  A "O3'"  1 
ATOM   38  C "C2'"  . DC  A 1 2  ? 7.288   2.309   15.775  1.00 10.00 ? 2  DC  A "C2'"  1 
ATOM   39  C "C1'"  . DC  A 1 2  ? 8.061   1.045   16.157  1.00 10.00 ? 2  DC  A "C1'"  1 
ATOM   40  N N1     . DC  A 1 2  ? 7.239   -0.026  16.785  1.00 10.00 ? 2  DC  A N1     1 
ATOM   41  C C2     . DC  A 1 2  ? 7.354   -1.336  16.300  1.00 10.00 ? 2  DC  A C2     1 
ATOM   42  O O2     . DC  A 1 2  ? 8.215   -1.663  15.484  1.00 10.00 ? 2  DC  A O2     1 
ATOM   43  N N3     . DC  A 1 2  ? 6.502   -2.297  16.739  1.00 10.00 ? 2  DC  A N3     1 
ATOM   44  C C4     . DC  A 1 2  ? 5.601   -1.998  17.658  1.00 10.00 ? 2  DC  A C4     1 
ATOM   45  N N4     . DC  A 1 2  ? 4.784   -2.962  18.002  1.00 10.00 ? 2  DC  A N4     1 
ATOM   46  C C5     . DC  A 1 2  ? 5.494   -0.701  18.245  1.00 10.00 ? 2  DC  A C5     1 
ATOM   47  C C6     . DC  A 1 2  ? 6.331   0.260   17.777  1.00 10.00 ? 2  DC  A C6     1 
ATOM   48  H "H5'"  . DC  A 1 2  ? 10.635  3.260   18.191  1.00 10.00 ? 2  DC  A "H5'"  1 
ATOM   49  H "H5''" . DC  A 1 2  ? 10.501  4.577   17.018  1.00 10.00 ? 2  DC  A "H5''" 1 
ATOM   50  H "H4'"  . DC  A 1 2  ? 10.429  2.494   15.842  1.00 10.00 ? 2  DC  A "H4'"  1 
ATOM   51  H "H3'"  . DC  A 1 2  ? 8.184   4.285   15.638  1.00 10.00 ? 2  DC  A "H3'"  1 
ATOM   52  H "H2'"  . DC  A 1 2  ? 6.729   2.714   16.617  1.00 10.00 ? 2  DC  A "H2'"  1 
ATOM   53  H "H2''" . DC  A 1 2  ? 6.644   2.153   14.910  1.00 10.00 ? 2  DC  A "H2''" 1 
ATOM   54  H "H1'"  . DC  A 1 2  ? 8.543   0.654   15.253  1.00 10.00 ? 2  DC  A "H1'"  1 
ATOM   55  H H41    . DC  A 1 2  ? 4.877   -3.833  17.470  1.00 10.00 ? 2  DC  A H41    1 
ATOM   56  H H42    . DC  A 1 2  ? 4.053   -2.814  18.666  1.00 10.00 ? 2  DC  A H42    1 
ATOM   57  H H5     . DC  A 1 2  ? 4.775   -0.471  19.013  1.00 10.00 ? 2  DC  A H5     1 
ATOM   58  H H6     . DC  A 1 2  ? 6.292   1.263   18.180  1.00 10.00 ? 2  DC  A H6     1 
ATOM   59  P P      . DA  A 1 3  ? 9.789   4.005   13.323  1.00 10.00 ? 3  DA  A P      1 
ATOM   60  O OP1    . DA  A 1 3  ? 10.945  4.318   14.192  1.00 10.00 ? 3  DA  A OP1    1 
ATOM   61  O OP2    . DA  A 1 3  ? 8.975   5.089   12.738  1.00 10.00 ? 3  DA  A OP2    1 
ATOM   62  O "O5'"  . DA  A 1 3  ? 10.266  3.004   12.162  1.00 10.00 ? 3  DA  A "O5'"  1 
ATOM   63  C "C5'"  . DA  A 1 3  ? 11.381  2.145   12.340  1.00 10.00 ? 3  DA  A "C5'"  1 
ATOM   64  C "C4'"  . DA  A 1 3  ? 11.322  0.913   11.427  1.00 10.00 ? 3  DA  A "C4'"  1 
ATOM   65  O "O4'"  . DA  A 1 3  ? 10.443  -0.048  11.995  1.00 10.00 ? 3  DA  A "O4'"  1 
ATOM   66  C "C3'"  . DA  A 1 3  ? 10.834  1.224   10.007  1.00 10.00 ? 3  DA  A "C3'"  1 
ATOM   67  O "O3'"  . DA  A 1 3  ? 11.638  0.495   9.092   1.00 10.00 ? 3  DA  A "O3'"  1 
ATOM   68  C "C2'"  . DA  A 1 3  ? 9.383   0.747   10.055  1.00 10.00 ? 3  DA  A "C2'"  1 
ATOM   69  C "C1'"  . DA  A 1 3  ? 9.465   -0.419  11.040  1.00 10.00 ? 3  DA  A "C1'"  1 
ATOM   70  N N9     . DA  A 1 3  ? 8.195   -0.673  11.757  1.00 10.00 ? 3  DA  A N9     1 
ATOM   71  C C8     . DA  A 1 3  ? 7.491   0.183   12.570  1.00 10.00 ? 3  DA  A C8     1 
ATOM   72  N N7     . DA  A 1 3  ? 6.420   -0.340  13.107  1.00 10.00 ? 3  DA  A N7     1 
ATOM   73  C C5     . DA  A 1 3  ? 6.418   -1.645  12.596  1.00 10.00 ? 3  DA  A C5     1 
ATOM   74  C C6     . DA  A 1 3  ? 5.563   -2.763  12.734  1.00 10.00 ? 3  DA  A C6     1 
ATOM   75  N N6     . DA  A 1 3  ? 4.465   -2.764  13.469  1.00 10.00 ? 3  DA  A N6     1 
ATOM   76  N N1     . DA  A 1 3  ? 5.818   -3.911  12.093  1.00 10.00 ? 3  DA  A N1     1 
ATOM   77  C C2     . DA  A 1 3  ? 6.914   -3.971  11.341  1.00 10.00 ? 3  DA  A C2     1 
ATOM   78  N N3     . DA  A 1 3  ? 7.815   -3.013  11.131  1.00 10.00 ? 3  DA  A N3     1 
ATOM   79  C C4     . DA  A 1 3  ? 7.499   -1.860  11.784  1.00 10.00 ? 3  DA  A C4     1 
ATOM   80  H "H5'"  . DA  A 1 3  ? 11.424  1.801   13.375  1.00 10.00 ? 3  DA  A "H5'"  1 
ATOM   81  H "H5''" . DA  A 1 3  ? 12.288  2.711   12.127  1.00 10.00 ? 3  DA  A "H5''" 1 
ATOM   82  H "H4'"  . DA  A 1 3  ? 12.322  0.481   11.367  1.00 10.00 ? 3  DA  A "H4'"  1 
ATOM   83  H "H3'"  . DA  A 1 3  ? 10.893  2.294   9.796   1.00 10.00 ? 3  DA  A "H3'"  1 
ATOM   84  H "H2'"  . DA  A 1 3  ? 8.759   1.547   10.455  1.00 10.00 ? 3  DA  A "H2'"  1 
ATOM   85  H "H2''" . DA  A 1 3  ? 9.016   0.428   9.081   1.00 10.00 ? 3  DA  A "H2''" 1 
ATOM   86  H "H1'"  . DA  A 1 3  ? 9.786   -1.317  10.505  1.00 10.00 ? 3  DA  A "H1'"  1 
ATOM   87  H H8     . DA  A 1 3  ? 7.814   1.201   12.751  1.00 10.00 ? 3  DA  A H8     1 
ATOM   88  H H61    . DA  A 1 3  ? 3.888   -3.607  13.473  1.00 10.00 ? 3  DA  A H61    1 
ATOM   89  H H62    . DA  A 1 3  ? 4.187   -1.914  13.926  1.00 10.00 ? 3  DA  A H62    1 
ATOM   90  H H2     . DA  A 1 3  ? 7.097   -4.912  10.842  1.00 10.00 ? 3  DA  A H2     1 
ATOM   91  P P      . DG  A 1 4  ? 11.629  0.804   7.509   1.00 10.00 ? 4  DG  A P      1 
ATOM   92  O OP1    . DG  A 1 4  ? 12.891  0.287   6.937   1.00 10.00 ? 4  DG  A OP1    1 
ATOM   93  O OP2    . DG  A 1 4  ? 11.251  2.221   7.310   1.00 10.00 ? 4  DG  A OP2    1 
ATOM   94  O "O5'"  . DG  A 1 4  ? 10.416  -0.126  7.009   1.00 10.00 ? 4  DG  A "O5'"  1 
ATOM   95  C "C5'"  . DG  A 1 4  ? 10.570  -1.533  6.921   1.00 10.00 ? 4  DG  A "C5'"  1 
ATOM   96  C "C4'"  . DG  A 1 4  ? 9.234   -2.238  6.674   1.00 10.00 ? 4  DG  A "C4'"  1 
ATOM   97  O "O4'"  . DG  A 1 4  ? 8.409   -2.169  7.834   1.00 10.00 ? 4  DG  A "O4'"  1 
ATOM   98  C "C3'"  . DG  A 1 4  ? 8.427   -1.633  5.508   1.00 10.00 ? 4  DG  A "C3'"  1 
ATOM   99  O "O3'"  . DG  A 1 4  ? 7.921   -2.642  4.651   1.00 10.00 ? 4  DG  A "O3'"  1 
ATOM   100 C "C2'"  . DG  A 1 4  ? 7.240   -1.008  6.231   1.00 10.00 ? 4  DG  A "C2'"  1 
ATOM   101 C "C1'"  . DG  A 1 4  ? 7.089   -2.023  7.357   1.00 10.00 ? 4  DG  A "C1'"  1 
ATOM   102 N N9     . DG  A 1 4  ? 6.117   -1.643  8.404   1.00 10.00 ? 4  DG  A N9     1 
ATOM   103 C C8     . DG  A 1 4  ? 5.867   -0.421  8.977   1.00 10.00 ? 4  DG  A C8     1 
ATOM   104 N N7     . DG  A 1 4  ? 4.812   -0.395  9.745   1.00 10.00 ? 4  DG  A N7     1 
ATOM   105 C C5     . DG  A 1 4  ? 4.313   -1.702  9.674   1.00 10.00 ? 4  DG  A C5     1 
ATOM   106 C C6     . DG  A 1 4  ? 3.150   -2.322  10.254  1.00 10.00 ? 4  DG  A C6     1 
ATOM   107 O O6     . DG  A 1 4  ? 2.281   -1.845  10.985  1.00 10.00 ? 4  DG  A O6     1 
ATOM   108 N N1     . DG  A 1 4  ? 3.018   -3.655  9.908   1.00 10.00 ? 4  DG  A N1     1 
ATOM   109 C C2     . DG  A 1 4  ? 3.895   -4.329  9.115   1.00 10.00 ? 4  DG  A C2     1 
ATOM   110 N N2     . DG  A 1 4  ? 3.609   -5.568  8.805   1.00 10.00 ? 4  DG  A N2     1 
ATOM   111 N N3     . DG  A 1 4  ? 4.984   -3.796  8.573   1.00 10.00 ? 4  DG  A N3     1 
ATOM   112 C C4     . DG  A 1 4  ? 5.134   -2.474  8.880   1.00 10.00 ? 4  DG  A C4     1 
ATOM   113 H "H5'"  . DG  A 1 4  ? 10.999  -1.914  7.848   1.00 10.00 ? 4  DG  A "H5'"  1 
ATOM   114 H "H5''" . DG  A 1 4  ? 11.249  -1.765  6.099   1.00 10.00 ? 4  DG  A "H5''" 1 
ATOM   115 H "H4'"  . DG  A 1 4  ? 9.435   -3.287  6.455   1.00 10.00 ? 4  DG  A "H4'"  1 
ATOM   116 H "H3'"  . DG  A 1 4  ? 8.992   -0.883  4.949   1.00 10.00 ? 4  DG  A "H3'"  1 
ATOM   117 H "H2'"  . DG  A 1 4  ? 7.516   -0.027  6.623   1.00 10.00 ? 4  DG  A "H2'"  1 
ATOM   118 H "H2''" . DG  A 1 4  ? 6.353   -0.954  5.598   1.00 10.00 ? 4  DG  A "H2''" 1 
ATOM   119 H "H1'"  . DG  A 1 4  ? 6.760   -2.973  6.923   1.00 10.00 ? 4  DG  A "H1'"  1 
ATOM   120 H H8     . DG  A 1 4  ? 6.487   0.446   8.796   1.00 10.00 ? 4  DG  A H8     1 
ATOM   121 H H1     . DG  A 1 4  ? 2.175   -4.117  10.230  1.00 10.00 ? 4  DG  A H1     1 
ATOM   122 H H21    . DG  A 1 4  ? 2.739   -6.007  9.121   1.00 10.00 ? 4  DG  A H21    1 
ATOM   123 H H22    . DG  A 1 4  ? 4.279   -6.048  8.231   1.00 10.00 ? 4  DG  A H22    1 
ATOM   124 P P      . DG  A 1 5  ? 8.826   -3.315  3.505   1.00 10.00 ? 5  DG  A P      1 
ATOM   125 O OP1    . DG  A 1 5  ? 10.103  -3.755  4.110   1.00 10.00 ? 5  DG  A OP1    1 
ATOM   126 O OP2    . DG  A 1 5  ? 8.825   -2.417  2.333   1.00 10.00 ? 5  DG  A OP2    1 
ATOM   127 O "O5'"  . DG  A 1 5  ? 7.933   -4.612  3.177   1.00 10.00 ? 5  DG  A "O5'"  1 
ATOM   128 C "C5'"  . DG  A 1 5  ? 8.121   -5.835  3.872   1.00 10.00 ? 5  DG  A "C5'"  1 
ATOM   129 C "C4'"  . DG  A 1 5  ? 6.881   -6.741  3.825   1.00 10.00 ? 5  DG  A "C4'"  1 
ATOM   130 O "O4'"  . DG  A 1 5  ? 5.938   -6.273  4.778   1.00 10.00 ? 5  DG  A "O4'"  1 
ATOM   131 C "C3'"  . DG  A 1 5  ? 6.182   -6.788  2.461   1.00 10.00 ? 5  DG  A "C3'"  1 
ATOM   132 O "O3'"  . DG  A 1 5  ? 5.713   -8.113  2.245   1.00 10.00 ? 5  DG  A "O3'"  1 
ATOM   133 C "C2'"  . DG  A 1 5  ? 5.048   -5.783  2.649   1.00 10.00 ? 5  DG  A "C2'"  1 
ATOM   134 C "C1'"  . DG  A 1 5  ? 4.715   -5.986  4.125   1.00 10.00 ? 5  DG  A "C1'"  1 
ATOM   135 N N9     . DG  A 1 5  ? 4.107   -4.801  4.769   1.00 10.00 ? 5  DG  A N9     1 
ATOM   136 C C8     . DG  A 1 5  ? 4.612   -3.530  4.890   1.00 10.00 ? 5  DG  A C8     1 
ATOM   137 N N7     . DG  A 1 5  ? 3.871   -2.724  5.603   1.00 10.00 ? 5  DG  A N7     1 
ATOM   138 C C5     . DG  A 1 5  ? 2.789   -3.524  5.988   1.00 10.00 ? 5  DG  A C5     1 
ATOM   139 C C6     . DG  A 1 5  ? 1.636   -3.248  6.803   1.00 10.00 ? 5  DG  A C6     1 
ATOM   140 O O6     . DG  A 1 5  ? 1.315   -2.216  7.389   1.00 10.00 ? 5  DG  A O6     1 
ATOM   141 N N1     . DG  A 1 5  ? 0.777   -4.326  6.921   1.00 10.00 ? 5  DG  A N1     1 
ATOM   142 C C2     . DG  A 1 5  ? 0.997   -5.542  6.348   1.00 10.00 ? 5  DG  A C2     1 
ATOM   143 N N2     . DG  A 1 5  ? 0.059   -6.449  6.472   1.00 10.00 ? 5  DG  A N2     1 
ATOM   144 N N3     . DG  A 1 5  ? 2.062   -5.843  5.609   1.00 10.00 ? 5  DG  A N3     1 
ATOM   145 C C4     . DG  A 1 5  ? 2.923   -4.792  5.464   1.00 10.00 ? 5  DG  A C4     1 
ATOM   146 H "H5'"  . DG  A 1 5  ? 8.355   -5.632  4.918   1.00 10.00 ? 5  DG  A "H5'"  1 
ATOM   147 H "H5''" . DG  A 1 5  ? 8.968   -6.358  3.425   1.00 10.00 ? 5  DG  A "H5''" 1 
ATOM   148 H "H4'"  . DG  A 1 5  ? 7.184   -7.751  4.099   1.00 10.00 ? 5  DG  A "H4'"  1 
ATOM   149 H "H3'"  . DG  A 1 5  ? 6.859   -6.483  1.660   1.00 10.00 ? 5  DG  A "H3'"  1 
ATOM   150 H "H2'"  . DG  A 1 5  ? 5.423   -4.774  2.470   1.00 10.00 ? 5  DG  A "H2'"  1 
ATOM   151 H "H2''" . DG  A 1 5  ? 4.193   -5.992  2.008   1.00 10.00 ? 5  DG  A "H2''" 1 
ATOM   152 H "H1'"  . DG  A 1 5  ? 4.045   -6.845  4.219   1.00 10.00 ? 5  DG  A "H1'"  1 
ATOM   153 H H8     . DG  A 1 5  ? 5.554   -3.238  4.443   1.00 10.00 ? 5  DG  A H8     1 
ATOM   154 H H1     . DG  A 1 5  ? -0.086  -4.165  7.428   1.00 10.00 ? 5  DG  A H1     1 
ATOM   155 H H21    . DG  A 1 5  ? -0.825  -6.242  6.946   1.00 10.00 ? 5  DG  A H21    1 
ATOM   156 H H22    . DG  A 1 5  ? 0.206   -7.282  5.932   1.00 10.00 ? 5  DG  A H22    1 
ATOM   157 P P      . DA  A 1 6  ? 5.170   -8.610  0.808   1.00 10.00 ? 6  DA  A P      1 
ATOM   158 O OP1    . DA  A 1 6  ? 5.305   -10.081 0.756   1.00 10.00 ? 6  DA  A OP1    1 
ATOM   159 O OP2    . DA  A 1 6  ? 5.796   -7.775  -0.239  1.00 10.00 ? 6  DA  A OP2    1 
ATOM   160 O "O5'"  . DA  A 1 6  ? 3.602   -8.243  0.880   1.00 10.00 ? 6  DA  A "O5'"  1 
ATOM   161 C "C5'"  . DA  A 1 6  ? 2.680   -9.078  1.563   1.00 10.00 ? 6  DA  A "C5'"  1 
ATOM   162 C "C4'"  . DA  A 1 6  ? 1.256   -8.504  1.555   1.00 10.00 ? 6  DA  A "C4'"  1 
ATOM   163 O "O4'"  . DA  A 1 6  ? 1.165   -7.402  2.456   1.00 10.00 ? 6  DA  A "O4'"  1 
ATOM   164 C "C3'"  . DA  A 1 6  ? 0.819   -7.993  0.169   1.00 10.00 ? 6  DA  A "C3'"  1 
ATOM   165 O "O3'"  . DA  A 1 6  ? -0.531  -8.326  -0.105  1.00 10.00 ? 6  DA  A "O3'"  1 
ATOM   166 C "C2'"  . DA  A 1 6  ? 0.897   -6.484  0.355   1.00 10.00 ? 6  DA  A "C2'"  1 
ATOM   167 C "C1'"  . DA  A 1 6  ? 0.418   -6.397  1.800   1.00 10.00 ? 6  DA  A "C1'"  1 
ATOM   168 N N9     . DA  A 1 6  ? 0.588   -5.070  2.430   1.00 10.00 ? 6  DA  A N9     1 
ATOM   169 C C8     . DA  A 1 6  ? 1.570   -4.127  2.239   1.00 10.00 ? 6  DA  A C8     1 
ATOM   170 N N7     . DA  A 1 6  ? 1.377   -3.009  2.885   1.00 10.00 ? 6  DA  A N7     1 
ATOM   171 C C5     . DA  A 1 6  ? 0.163   -3.230  3.545   1.00 10.00 ? 6  DA  A C5     1 
ATOM   172 C C6     . DA  A 1 6  ? -0.653  -2.460  4.405   1.00 10.00 ? 6  DA  A C6     1 
ATOM   173 N N6     . DA  A 1 6  ? -0.370  -1.228  4.804   1.00 10.00 ? 6  DA  A N6     1 
ATOM   174 N N1     . DA  A 1 6  ? -1.784  -2.967  4.903   1.00 10.00 ? 6  DA  A N1     1 
ATOM   175 C C2     . DA  A 1 6  ? -2.127  -4.203  4.557   1.00 10.00 ? 6  DA  A C2     1 
ATOM   176 N N3     . DA  A 1 6  ? -1.470  -5.037  3.760   1.00 10.00 ? 6  DA  A N3     1 
ATOM   177 C C4     . DA  A 1 6  ? -0.321  -4.484  3.280   1.00 10.00 ? 6  DA  A C4     1 
ATOM   178 H "H5'"  . DA  A 1 6  ? 3.002   -9.214  2.596   1.00 10.00 ? 6  DA  A "H5'"  1 
ATOM   179 H "H5''" . DA  A 1 6  ? 2.663   -10.053 1.073   1.00 10.00 ? 6  DA  A "H5''" 1 
ATOM   180 H "H4'"  . DA  A 1 6  ? 0.567   -9.284  1.879   1.00 10.00 ? 6  DA  A "H4'"  1 
ATOM   181 H "H3'"  . DA  A 1 6  ? 1.480   -8.331  -0.632  1.00 10.00 ? 6  DA  A "H3'"  1 
ATOM   182 H "H2'"  . DA  A 1 6  ? 1.931   -6.153  0.261   1.00 10.00 ? 6  DA  A "H2'"  1 
ATOM   183 H "H2''" . DA  A 1 6  ? 0.241   -5.951  -0.334  1.00 10.00 ? 6  DA  A "H2''" 1 
ATOM   184 H "H1'"  . DA  A 1 6  ? -0.646  -6.658  1.830   1.00 10.00 ? 6  DA  A "H1'"  1 
ATOM   185 H H8     . DA  A 1 6  ? 2.431   -4.296  1.609   1.00 10.00 ? 6  DA  A H8     1 
ATOM   186 H H61    . DA  A 1 6  ? -1.013  -0.757  5.439   1.00 10.00 ? 6  DA  A H61    1 
ATOM   187 H H62    . DA  A 1 6  ? 0.516   -0.837  4.533   1.00 10.00 ? 6  DA  A H62    1 
ATOM   188 H H2     . DA  A 1 6  ? -3.051  -4.576  4.976   1.00 10.00 ? 6  DA  A H2     1 
ATOM   189 P P      . DG  A 1 7  ? -0.947  -9.752  -0.715  1.00 10.00 ? 7  DG  A P      1 
ATOM   190 O OP1    . DG  A 1 7  ? -0.659  -10.792 0.298   1.00 10.00 ? 7  DG  A OP1    1 
ATOM   191 O OP2    . DG  A 1 7  ? -0.376  -9.855  -2.073  1.00 10.00 ? 7  DG  A OP2    1 
ATOM   192 O "O5'"  . DG  A 1 7  ? -2.542  -9.554  -0.836  1.00 10.00 ? 7  DG  A "O5'"  1 
ATOM   193 C "C5'"  . DG  A 1 7  ? -3.431  -10.043 0.157   1.00 10.00 ? 7  DG  A "C5'"  1 
ATOM   194 C "C4'"  . DG  A 1 7  ? -4.846  -9.447  0.055   1.00 10.00 ? 7  DG  A "C4'"  1 
ATOM   195 O "O4'"  . DG  A 1 7  ? -4.874  -8.191  0.719   1.00 10.00 ? 7  DG  A "O4'"  1 
ATOM   196 C "C3'"  . DG  A 1 7  ? -5.347  -9.225  -1.376  1.00 10.00 ? 7  DG  A "C3'"  1 
ATOM   197 O "O3'"  . DG  A 1 7  ? -6.747  -9.468  -1.409  1.00 10.00 ? 7  DG  A "O3'"  1 
ATOM   198 C "C2'"  . DG  A 1 7  ? -4.986  -7.759  -1.608  1.00 10.00 ? 7  DG  A "C2'"  1 
ATOM   199 C "C1'"  . DG  A 1 7  ? -5.143  -7.155  -0.211  1.00 10.00 ? 7  DG  A "C1'"  1 
ATOM   200 N N9     . DG  A 1 7  ? -4.217  -6.031  0.073   1.00 10.00 ? 7  DG  A N9     1 
ATOM   201 C C8     . DG  A 1 7  ? -2.855  -5.982  -0.087  1.00 10.00 ? 7  DG  A C8     1 
ATOM   202 N N7     . DG  A 1 7  ? -2.298  -4.889  0.361   1.00 10.00 ? 7  DG  A N7     1 
ATOM   203 C C5     . DG  A 1 7  ? -3.375  -4.149  0.858   1.00 10.00 ? 7  DG  A C5     1 
ATOM   204 C C6     . DG  A 1 7  ? -3.431  -2.862  1.495   1.00 10.00 ? 7  DG  A C6     1 
ATOM   205 O O6     . DG  A 1 7  ? -2.524  -2.086  1.788   1.00 10.00 ? 7  DG  A O6     1 
ATOM   206 N N1     . DG  A 1 7  ? -4.720  -2.460  1.796   1.00 10.00 ? 7  DG  A N1     1 
ATOM   207 C C2     . DG  A 1 7  ? -5.830  -3.203  1.543   1.00 10.00 ? 7  DG  A C2     1 
ATOM   208 N N2     . DG  A 1 7  ? -6.992  -2.656  1.815   1.00 10.00 ? 7  DG  A N2     1 
ATOM   209 N N3     . DG  A 1 7  ? -5.817  -4.411  0.979   1.00 10.00 ? 7  DG  A N3     1 
ATOM   210 C C4     . DG  A 1 7  ? -4.556  -4.833  0.658   1.00 10.00 ? 7  DG  A C4     1 
ATOM   211 H "H5'"  . DG  A 1 7  ? -3.031  -9.819  1.147   1.00 10.00 ? 7  DG  A "H5'"  1 
ATOM   212 H "H5''" . DG  A 1 7  ? -3.492  -11.127 0.053   1.00 10.00 ? 7  DG  A "H5''" 1 
ATOM   213 H "H4'"  . DG  A 1 7  ? -5.532  -10.123 0.565   1.00 10.00 ? 7  DG  A "H4'"  1 
ATOM   214 H "H3'"  . DG  A 1 7  ? -4.832  -9.878  -2.083  1.00 10.00 ? 7  DG  A "H3'"  1 
ATOM   215 H "H2'"  . DG  A 1 7  ? -3.954  -7.693  -1.951  1.00 10.00 ? 7  DG  A "H2'"  1 
ATOM   216 H "H2''" . DG  A 1 7  ? -5.649  -7.285  -2.327  1.00 10.00 ? 7  DG  A "H2''" 1 
ATOM   217 H "H1'"  . DG  A 1 7  ? -6.175  -6.819  -0.085  1.00 10.00 ? 7  DG  A "H1'"  1 
ATOM   218 H H8     . DG  A 1 7  ? -2.297  -6.795  -0.530  1.00 10.00 ? 7  DG  A H8     1 
ATOM   219 H H1     . DG  A 1 7  ? -4.823  -1.533  2.193   1.00 10.00 ? 7  DG  A H1     1 
ATOM   220 H H21    . DG  A 1 7  ? -7.060  -1.697  2.171   1.00 10.00 ? 7  DG  A H21    1 
ATOM   221 H H22    . DG  A 1 7  ? -7.793  -3.193  1.547   1.00 10.00 ? 7  DG  A H22    1 
ATOM   222 P P      . DA  A 1 8  ? -7.598  -9.463  -2.783  1.00 10.00 ? 8  DA  A P      1 
ATOM   223 O OP1    . DA  A 1 8  ? -8.803  -10.297 -2.579  1.00 10.00 ? 8  DA  A OP1    1 
ATOM   224 O OP2    . DA  A 1 8  ? -6.679  -9.753  -3.905  1.00 10.00 ? 8  DA  A OP2    1 
ATOM   225 O "O5'"  . DA  A 1 8  ? -8.060  -7.924  -2.885  1.00 10.00 ? 8  DA  A "O5'"  1 
ATOM   226 C "C5'"  . DA  A 1 8  ? -9.050  -7.408  -2.011  1.00 10.00 ? 8  DA  A "C5'"  1 
ATOM   227 C "C4'"  . DA  A 1 8  ? -9.252  -5.899  -2.191  1.00 10.00 ? 8  DA  A "C4'"  1 
ATOM   228 O "O4'"  . DA  A 1 8  ? -8.106  -5.194  -1.731  1.00 10.00 ? 8  DA  A "O4'"  1 
ATOM   229 C "C3'"  . DA  A 1 8  ? -9.520  -5.476  -3.643  1.00 10.00 ? 8  DA  A "C3'"  1 
ATOM   230 O "O3'"  . DA  A 1 8  ? -10.724 -4.726  -3.677  1.00 10.00 ? 8  DA  A "O3'"  1 
ATOM   231 C "C2'"  . DA  A 1 8  ? -8.285  -4.641  -3.973  1.00 10.00 ? 8  DA  A "C2'"  1 
ATOM   232 C "C1'"  . DA  A 1 8  ? -7.888  -4.104  -2.602  1.00 10.00 ? 8  DA  A "C1'"  1 
ATOM   233 N N9     . DA  A 1 8  ? -6.470  -3.688  -2.518  1.00 10.00 ? 8  DA  A N9     1 
ATOM   234 C C8     . DA  A 1 8  ? -5.349  -4.388  -2.889  1.00 10.00 ? 8  DA  A C8     1 
ATOM   235 N N7     . DA  A 1 8  ? -4.223  -3.782  -2.635  1.00 10.00 ? 8  DA  A N7     1 
ATOM   236 C C5     . DA  A 1 8  ? -4.638  -2.579  -2.054  1.00 10.00 ? 8  DA  A C5     1 
ATOM   237 C C6     . DA  A 1 8  ? -3.964  -1.457  -1.519  1.00 10.00 ? 8  DA  A C6     1 
ATOM   238 N N6     . DA  A 1 8  ? -2.648  -1.358  -1.432  1.00 10.00 ? 8  DA  A N6     1 
ATOM   239 N N1     . DA  A 1 8  ? -4.657  -0.428  -1.018  1.00 10.00 ? 8  DA  A N1     1 
ATOM   240 C C2     . DA  A 1 8  ? -5.984  -0.492  -1.035  1.00 10.00 ? 8  DA  A C2     1 
ATOM   241 N N3     . DA  A 1 8  ? -6.746  -1.476  -1.500  1.00 10.00 ? 8  DA  A N3     1 
ATOM   242 C C4     . DA  A 1 8  ? -6.004  -2.506  -1.992  1.00 10.00 ? 8  DA  A C4     1 
ATOM   243 H "H5'"  . DA  A 1 8  ? -8.758  -7.601  -0.978  1.00 10.00 ? 8  DA  A "H5'"  1 
ATOM   244 H "H5''" . DA  A 1 8  ? -9.994  -7.918  -2.209  1.00 10.00 ? 8  DA  A "H5''" 1 
ATOM   245 H "H4'"  . DA  A 1 8  ? -10.106 -5.596  -1.586  1.00 10.00 ? 8  DA  A "H4'"  1 
ATOM   246 H "H3'"  . DA  A 1 8  ? -9.591  -6.342  -4.307  1.00 10.00 ? 8  DA  A "H3'"  1 
ATOM   247 H "H2'"  . DA  A 1 8  ? -7.514  -5.304  -4.368  1.00 10.00 ? 8  DA  A "H2'"  1 
ATOM   248 H "H2''" . DA  A 1 8  ? -8.500  -3.841  -4.678  1.00 10.00 ? 8  DA  A "H2''" 1 
ATOM   249 H "H1'"  . DA  A 1 8  ? -8.544  -3.270  -2.331  1.00 10.00 ? 8  DA  A "H1'"  1 
ATOM   250 H H8     . DA  A 1 8  ? -5.396  -5.365  -3.350  1.00 10.00 ? 8  DA  A H8     1 
ATOM   251 H H61    . DA  A 1 8  ? -2.237  -0.553  -0.956  1.00 10.00 ? 8  DA  A H61    1 
ATOM   252 H H62    . DA  A 1 8  ? -2.090  -2.142  -1.726  1.00 10.00 ? 8  DA  A H62    1 
ATOM   253 H H2     . DA  A 1 8  ? -6.505  0.362   -0.623  1.00 10.00 ? 8  DA  A H2     1 
ATOM   254 P P      . DT  A 1 9  ? -11.365 -4.159  -5.048  1.00 10.00 ? 9  DT  A P      1 
ATOM   255 O OP1    . DT  A 1 9  ? -12.832 -4.344  -4.985  1.00 10.00 ? 9  DT  A OP1    1 
ATOM   256 O OP2    . DT  A 1 9  ? -10.596 -4.689  -6.195  1.00 10.00 ? 9  DT  A OP2    1 
ATOM   257 O "O5'"  . DT  A 1 9  ? -11.044 -2.588  -4.904  1.00 10.00 ? 9  DT  A "O5'"  1 
ATOM   258 C "C5'"  . DT  A 1 9  ? -11.701 -1.814  -3.912  1.00 10.00 ? 9  DT  A "C5'"  1 
ATOM   259 C "C4'"  . DT  A 1 9  ? -11.243 -0.353  -3.916  1.00 10.00 ? 9  DT  A "C4'"  1 
ATOM   260 O "O4'"  . DT  A 1 9  ? -9.869  -0.285  -3.557  1.00 10.00 ? 9  DT  A "O4'"  1 
ATOM   261 C "C3'"  . DT  A 1 9  ? -11.425 0.339   -5.273  1.00 10.00 ? 9  DT  A "C3'"  1 
ATOM   262 O "O3'"  . DT  A 1 9  ? -12.093 1.576   -5.075  1.00 10.00 ? 9  DT  A "O3'"  1 
ATOM   263 C "C2'"  . DT  A 1 9  ? -9.984  0.518   -5.735  1.00 10.00 ? 9  DT  A "C2'"  1 
ATOM   264 C "C1'"  . DT  A 1 9  ? -9.242  0.653   -4.407  1.00 10.00 ? 9  DT  A "C1'"  1 
ATOM   265 N N1     . DT  A 1 9  ? -7.785  0.360   -4.501  1.00 10.00 ? 9  DT  A N1     1 
ATOM   266 C C2     . DT  A 1 9  ? -6.883  1.345   -4.082  1.00 10.00 ? 9  DT  A C2     1 
ATOM   267 O O2     . DT  A 1 9  ? -7.221  2.453   -3.681  1.00 10.00 ? 9  DT  A O2     1 
ATOM   268 N N3     . DT  A 1 9  ? -5.544  1.032   -4.163  1.00 10.00 ? 9  DT  A N3     1 
ATOM   269 C C4     . DT  A 1 9  ? -5.016  -0.138  -4.664  1.00 10.00 ? 9  DT  A C4     1 
ATOM   270 O O4     . DT  A 1 9  ? -3.797  -0.280  -4.666  1.00 10.00 ? 9  DT  A O4     1 
ATOM   271 C C5     . DT  A 1 9  ? -6.007  -1.107  -5.126  1.00 10.00 ? 9  DT  A C5     1 
ATOM   272 C C7     . DT  A 1 9  ? -5.560  -2.415  -5.753  1.00 10.00 ? 9  DT  A C7     1 
ATOM   273 C C6     . DT  A 1 9  ? -7.336  -0.842  -5.013  1.00 10.00 ? 9  DT  A C6     1 
ATOM   274 H "H5'"  . DT  A 1 9  ? -11.500 -2.242  -2.929  1.00 10.00 ? 9  DT  A "H5'"  1 
ATOM   275 H "H5''" . DT  A 1 9  ? -12.777 -1.847  -4.091  1.00 10.00 ? 9  DT  A "H5''" 1 
ATOM   276 H "H4'"  . DT  A 1 9  ? -11.826 0.192   -3.173  1.00 10.00 ? 9  DT  A "H4'"  1 
ATOM   277 H "H3'"  . DT  A 1 9  ? -11.983 -0.288  -5.972  1.00 10.00 ? 9  DT  A "H3'"  1 
ATOM   278 H "H2'"  . DT  A 1 9  ? -9.679  -0.377  -6.276  1.00 10.00 ? 9  DT  A "H2'"  1 
ATOM   279 H "H2''" . DT  A 1 9  ? -9.858  1.399   -6.357  1.00 10.00 ? 9  DT  A "H2''" 1 
ATOM   280 H "H1'"  . DT  A 1 9  ? -9.409  1.662   -4.015  1.00 10.00 ? 9  DT  A "H1'"  1 
ATOM   281 H H3     . DT  A 1 9  ? -4.888  1.740   -3.847  1.00 10.00 ? 9  DT  A H3     1 
ATOM   282 H H71    . DT  A 1 9  ? -4.628  -2.747  -5.294  1.00 10.00 ? 9  DT  A H71    1 
ATOM   283 H H72    . DT  A 1 9  ? -6.316  -3.187  -5.619  1.00 10.00 ? 9  DT  A H72    1 
ATOM   284 H H73    . DT  A 1 9  ? -5.388  -2.260  -6.819  1.00 10.00 ? 9  DT  A H73    1 
ATOM   285 H H6     . DT  A 1 9  ? -8.064  -1.578  -5.328  1.00 10.00 ? 9  DT  A H6     1 
ATOM   286 P P      . DT  A 1 10 ? -12.522 2.544   -6.298  1.00 10.00 ? 10 DT  A P      1 
ATOM   287 O OP1    . DT  A 1 10 ? -13.873 3.077   -6.018  1.00 10.00 ? 10 DT  A OP1    1 
ATOM   288 O OP2    . DT  A 1 10 ? -12.245 1.853   -7.576  1.00 10.00 ? 10 DT  A OP2    1 
ATOM   289 O "O5'"  . DT  A 1 10 ? -11.461 3.743   -6.145  1.00 10.00 ? 10 DT  A "O5'"  1 
ATOM   290 C "C5'"  . DT  A 1 10 ? -11.517 4.623   -5.032  1.00 10.00 ? 10 DT  A "C5'"  1 
ATOM   291 C "C4'"  . DT  A 1 10 ? -10.429 5.703   -5.084  1.00 10.00 ? 10 DT  A "C4'"  1 
ATOM   292 O "O4'"  . DT  A 1 10 ? -9.154  5.077   -5.024  1.00 10.00 ? 10 DT  A "O4'"  1 
ATOM   293 C "C3'"  . DT  A 1 10 ? -10.481 6.562   -6.356  1.00 10.00 ? 10 DT  A "C3'"  1 
ATOM   294 O "O3'"  . DT  A 1 10 ? -10.194 7.914   -6.021  1.00 10.00 ? 10 DT  A "O3'"  1 
ATOM   295 C "C2'"  . DT  A 1 10 ? -9.385  5.924   -7.196  1.00 10.00 ? 10 DT  A "C2'"  1 
ATOM   296 C "C1'"  . DT  A 1 10 ? -8.376  5.522   -6.118  1.00 10.00 ? 10 DT  A "C1'"  1 
ATOM   297 N N1     . DT  A 1 10 ? -7.424  4.449   -6.522  1.00 10.00 ? 10 DT  A N1     1 
ATOM   298 C C2     . DT  A 1 10 ? -6.063  4.638   -6.245  1.00 10.00 ? 10 DT  A C2     1 
ATOM   299 O O2     . DT  A 1 10 ? -5.603  5.656   -5.739  1.00 10.00 ? 10 DT  A O2     1 
ATOM   300 N N3     . DT  A 1 10 ? -5.211  3.613   -6.594  1.00 10.00 ? 10 DT  A N3     1 
ATOM   301 C C4     . DT  A 1 10 ? -5.574  2.435   -7.208  1.00 10.00 ? 10 DT  A C4     1 
ATOM   302 O O4     . DT  A 1 10 ? -4.708  1.597   -7.437  1.00 10.00 ? 10 DT  A O4     1 
ATOM   303 C C5     . DT  A 1 10 ? -6.997  2.314   -7.508  1.00 10.00 ? 10 DT  A C5     1 
ATOM   304 C C7     . DT  A 1 10 ? -7.513  1.082   -8.230  1.00 10.00 ? 10 DT  A C7     1 
ATOM   305 C C6     . DT  A 1 10 ? -7.864  3.297   -7.147  1.00 10.00 ? 10 DT  A C6     1 
ATOM   306 H "H5'"  . DT  A 1 10 ? -11.393 4.046   -4.115  1.00 10.00 ? 10 DT  A "H5'"  1 
ATOM   307 H "H5''" . DT  A 1 10 ? -12.495 5.107   -5.008  1.00 10.00 ? 10 DT  A "H5''" 1 
ATOM   308 H "H4'"  . DT  A 1 10 ? -10.548 6.356   -4.219  1.00 10.00 ? 10 DT  A "H4'"  1 
ATOM   309 H "H3'"  . DT  A 1 10 ? -11.451 6.490   -6.850  1.00 10.00 ? 10 DT  A "H3'"  1 
ATOM   310 H "H2'"  . DT  A 1 10 ? -9.802  5.065   -7.717  1.00 10.00 ? 10 DT  A "H2'"  1 
ATOM   311 H "H2''" . DT  A 1 10 ? -8.966  6.622   -7.912  1.00 10.00 ? 10 DT  A "H2''" 1 
ATOM   312 H "H1'"  . DT  A 1 10 ? -7.829  6.420   -5.813  1.00 10.00 ? 10 DT  A "H1'"  1 
ATOM   313 H H3     . DT  A 1 10 ? -4.221  3.761   -6.424  1.00 10.00 ? 10 DT  A H3     1 
ATOM   314 H H71    . DT  A 1 10 ? -8.563  1.197   -8.501  1.00 10.00 ? 10 DT  A H71    1 
ATOM   315 H H72    . DT  A 1 10 ? -6.929  0.926   -9.137  1.00 10.00 ? 10 DT  A H72    1 
ATOM   316 H H73    . DT  A 1 10 ? -7.399  0.209   -7.589  1.00 10.00 ? 10 DT  A H73    1 
ATOM   317 H H6     . DT  A 1 10 ? -8.922  3.175   -7.336  1.00 10.00 ? 10 DT  A H6     1 
ATOM   318 P P      . DC  A 1 11 ? -10.203 9.107   -7.115  1.00 10.00 ? 11 DC  A P      1 
ATOM   319 O OP1    . DC  A 1 11 ? -10.835 10.293  -6.497  1.00 10.00 ? 11 DC  A OP1    1 
ATOM   320 O OP2    . DC  A 1 11 ? -10.718 8.573   -8.395  1.00 10.00 ? 11 DC  A OP2    1 
ATOM   321 O "O5'"  . DC  A 1 11 ? -8.630  9.403   -7.298  1.00 10.00 ? 11 DC  A "O5'"  1 
ATOM   322 C "C5'"  . DC  A 1 11 ? -7.879  9.994   -6.247  1.00 10.00 ? 11 DC  A "C5'"  1 
ATOM   323 C "C4'"  . DC  A 1 11 ? -6.411  10.238  -6.627  1.00 10.00 ? 11 DC  A "C4'"  1 
ATOM   324 O "O4'"  . DC  A 1 11 ? -5.780  8.990   -6.870  1.00 10.00 ? 11 DC  A "O4'"  1 
ATOM   325 C "C3'"  . DC  A 1 11 ? -6.235  11.127  -7.863  1.00 10.00 ? 11 DC  A "C3'"  1 
ATOM   326 O "O3'"  . DC  A 1 11 ? -5.227  12.092  -7.601  1.00 10.00 ? 11 DC  A "O3'"  1 
ATOM   327 C "C2'"  . DC  A 1 11 ? -5.839  10.122  -8.941  1.00 10.00 ? 11 DC  A "C2'"  1 
ATOM   328 C "C1'"  . DC  A 1 11 ? -5.156  9.008   -8.138  1.00 10.00 ? 11 DC  A "C1'"  1 
ATOM   329 N N1     . DC  A 1 11 ? -5.305  7.651   -8.734  1.00 10.00 ? 11 DC  A N1     1 
ATOM   330 C C2     . DC  A 1 11 ? -4.175  6.841   -8.899  1.00 10.00 ? 11 DC  A C2     1 
ATOM   331 O O2     . DC  A 1 11 ? -3.042  7.236   -8.634  1.00 10.00 ? 11 DC  A O2     1 
ATOM   332 N N3     . DC  A 1 11 ? -4.307  5.584   -9.398  1.00 10.00 ? 11 DC  A N3     1 
ATOM   333 C C4     . DC  A 1 11 ? -5.507  5.135   -9.721  1.00 10.00 ? 11 DC  A C4     1 
ATOM   334 N N4     . DC  A 1 11 ? -5.572  3.909   -10.179 1.00 10.00 ? 11 DC  A N4     1 
ATOM   335 C C5     . DC  A 1 11 ? -6.691  5.913   -9.571  1.00 10.00 ? 11 DC  A C5     1 
ATOM   336 C C6     . DC  A 1 11 ? -6.549  7.164   -9.064  1.00 10.00 ? 11 DC  A C6     1 
ATOM   337 H "H5'"  . DC  A 1 11 ? -7.910  9.339   -5.374  1.00 10.00 ? 11 DC  A "H5'"  1 
ATOM   338 H "H5''" . DC  A 1 11 ? -8.332  10.949  -5.978  1.00 10.00 ? 11 DC  A "H5''" 1 
ATOM   339 H "H4'"  . DC  A 1 11 ? -5.918  10.721  -5.783  1.00 10.00 ? 11 DC  A "H4'"  1 
ATOM   340 H "H3'"  . DC  A 1 11 ? -7.172  11.625  -8.122  1.00 10.00 ? 11 DC  A "H3'"  1 
ATOM   341 H "H2'"  . DC  A 1 11 ? -6.748  9.777   -9.431  1.00 10.00 ? 11 DC  A "H2'"  1 
ATOM   342 H "H2''" . DC  A 1 11 ? -5.167  10.550  -9.680  1.00 10.00 ? 11 DC  A "H2''" 1 
ATOM   343 H "H1'"  . DC  A 1 11 ? -4.099  9.267   -8.012  1.00 10.00 ? 11 DC  A "H1'"  1 
ATOM   344 H H41    . DC  A 1 11 ? -4.683  3.398   -10.235 1.00 10.00 ? 11 DC  A H41    1 
ATOM   345 H H42    . DC  A 1 11 ? -6.445  3.487   -10.422 1.00 10.00 ? 11 DC  A H42    1 
ATOM   346 H H5     . DC  A 1 11 ? -7.670  5.538   -9.822  1.00 10.00 ? 11 DC  A H5     1 
ATOM   347 H H6     . DC  A 1 11 ? -7.414  7.793   -8.892  1.00 10.00 ? 11 DC  A H6     1 
ATOM   348 P P      . DC  A 1 12 ? -4.891  13.293  -8.631  1.00 10.00 ? 12 DC  A P      1 
ATOM   349 O OP1    . DC  A 1 12 ? -4.311  14.413  -7.859  1.00 10.00 ? 12 DC  A OP1    1 
ATOM   350 O OP2    . DC  A 1 12 ? -6.075  13.517  -9.490  1.00 10.00 ? 12 DC  A OP2    1 
ATOM   351 O "O5'"  . DC  A 1 12 ? -3.728  12.632  -9.525  1.00 10.00 ? 12 DC  A "O5'"  1 
ATOM   352 C "C5'"  . DC  A 1 12 ? -2.440  12.406  -8.978  1.00 10.00 ? 12 DC  A "C5'"  1 
ATOM   353 C "C4'"  . DC  A 1 12 ? -1.595  11.482  -9.860  1.00 10.00 ? 12 DC  A "C4'"  1 
ATOM   354 O "O4'"  . DC  A 1 12 ? -2.193  10.202  -9.980  1.00 10.00 ? 12 DC  A "O4'"  1 
ATOM   355 C "C3'"  . DC  A 1 12 ? -1.376  11.975  -11.292 1.00 10.00 ? 12 DC  A "C3'"  1 
ATOM   356 O "O3'"  . DC  A 1 12 ? -0.202  12.770  -11.386 1.00 10.00 ? 12 DC  A "O3'"  1 
ATOM   357 C "C2'"  . DC  A 1 12 ? -1.268  10.664  -12.074 1.00 10.00 ? 12 DC  A "C2'"  1 
ATOM   358 C "C1'"  . DC  A 1 12 ? -1.528  9.562   -11.049 1.00 10.00 ? 12 DC  A "C1'"  1 
ATOM   359 N N1     . DC  A 1 12 ? -2.324  8.444   -11.619 1.00 10.00 ? 12 DC  A N1     1 
ATOM   360 C C2     . DC  A 1 12 ? -1.655  7.284   -12.019 1.00 10.00 ? 12 DC  A C2     1 
ATOM   361 O O2     . DC  A 1 12 ? -0.430  7.197   -11.971 1.00 10.00 ? 12 DC  A O2     1 
ATOM   362 N N3     . DC  A 1 12 ? -2.354  6.222   -12.488 1.00 10.00 ? 12 DC  A N3     1 
ATOM   363 C C4     . DC  A 1 12 ? -3.668  6.310   -12.595 1.00 10.00 ? 12 DC  A C4     1 
ATOM   364 N N4     . DC  A 1 12 ? -4.280  5.242   -13.046 1.00 10.00 ? 12 DC  A N4     1 
ATOM   365 C C5     . DC  A 1 12 ? -4.397  7.493   -12.260 1.00 10.00 ? 12 DC  A C5     1 
ATOM   366 C C6     . DC  A 1 12 ? -3.685  8.543   -11.775 1.00 10.00 ? 12 DC  A C6     1 
ATOM   367 H "H5'"  . DC  A 1 12 ? -2.542  11.941  -7.996  1.00 10.00 ? 12 DC  A "H5'"  1 
ATOM   368 H "H5''" . DC  A 1 12 ? -1.929  13.361  -8.860  1.00 10.00 ? 12 DC  A "H5''" 1 
ATOM   369 H "H4'"  . DC  A 1 12 ? -0.616  11.365  -9.394  1.00 10.00 ? 12 DC  A "H4'"  1 
ATOM   370 H "H3'"  . DC  A 1 12 ? -2.252  12.535  -11.629 1.00 10.00 ? 12 DC  A "H3'"  1 
ATOM   371 H "H2'"  . DC  A 1 12 ? -2.018  10.661  -12.865 1.00 10.00 ? 12 DC  A "H2'"  1 
ATOM   372 H "H2''" . DC  A 1 12 ? -0.272  10.525  -12.489 1.00 10.00 ? 12 DC  A "H2''" 1 
ATOM   373 H "H1'"  . DC  A 1 12 ? -0.566  9.183   -10.689 1.00 10.00 ? 12 DC  A "H1'"  1 
ATOM   374 H H41    . DC  A 1 12 ? -3.685  4.430   -13.238 1.00 10.00 ? 12 DC  A H41    1 
ATOM   375 H H42    . DC  A 1 12 ? -5.272  5.212   -13.156 1.00 10.00 ? 12 DC  A H42    1 
ATOM   376 H H5     . DC  A 1 12 ? -5.466  7.565   -12.369 1.00 10.00 ? 12 DC  A H5     1 
ATOM   377 H H6     . DC  A 1 12 ? -4.169  9.470   -11.490 1.00 10.00 ? 12 DC  A H6     1 
ATOM   378 P P      . DA  A 1 13 ? 0.275   13.456  -12.773 1.00 10.00 ? 13 DA  A P      1 
ATOM   379 O OP1    . DA  A 1 13 ? 1.088   14.647  -12.453 1.00 10.00 ? 13 DA  A OP1    1 
ATOM   380 O OP2    . DA  A 1 13 ? -0.892  13.568  -13.675 1.00 10.00 ? 13 DA  A OP2    1 
ATOM   381 O "O5'"  . DA  A 1 13 ? 1.255   12.343  -13.398 1.00 10.00 ? 13 DA  A "O5'"  1 
ATOM   382 C "C5'"  . DA  A 1 13 ? 2.454   11.966  -12.740 1.00 10.00 ? 13 DA  A "C5'"  1 
ATOM   383 C "C4'"  . DA  A 1 13 ? 3.172   10.819  -13.465 1.00 10.00 ? 13 DA  A "C4'"  1 
ATOM   384 O "O4'"  . DA  A 1 13 ? 2.304   9.692   -13.524 1.00 10.00 ? 13 DA  A "O4'"  1 
ATOM   385 C "C3'"  . DA  A 1 13 ? 3.602   11.164  -14.897 1.00 10.00 ? 13 DA  A "C3'"  1 
ATOM   386 O "O3'"  . DA  A 1 13 ? 4.853   10.543  -15.162 1.00 10.00 ? 13 DA  A "O3'"  1 
ATOM   387 C "C2'"  . DA  A 1 13 ? 2.452   10.582  -15.711 1.00 10.00 ? 13 DA  A "C2'"  1 
ATOM   388 C "C1'"  . DA  A 1 13 ? 2.069   9.357   -14.880 1.00 10.00 ? 13 DA  A "C1'"  1 
ATOM   389 N N9     . DA  A 1 13 ? 0.652   8.972   -15.069 1.00 10.00 ? 13 DA  A N9     1 
ATOM   390 C C8     . DA  A 1 13 ? -0.466  9.776   -15.108 1.00 10.00 ? 13 DA  A C8     1 
ATOM   391 N N7     . DA  A 1 13 ? -1.580  9.140   -15.353 1.00 10.00 ? 13 DA  A N7     1 
ATOM   392 C C5     . DA  A 1 13 ? -1.161  7.811   -15.484 1.00 10.00 ? 13 DA  A C5     1 
ATOM   393 C C6     . DA  A 1 13 ? -1.818  6.593   -15.768 1.00 10.00 ? 13 DA  A C6     1 
ATOM   394 N N6     . DA  A 1 13 ? -3.119  6.484   -15.985 1.00 10.00 ? 13 DA  A N6     1 
ATOM   395 N N1     . DA  A 1 13 ? -1.124  5.453   -15.855 1.00 10.00 ? 13 DA  A N1     1 
ATOM   396 C C2     . DA  A 1 13 ? 0.190   5.498   -15.668 1.00 10.00 ? 13 DA  A C2     1 
ATOM   397 N N3     . DA  A 1 13 ? 0.938   6.564   -15.406 1.00 10.00 ? 13 DA  A N3     1 
ATOM   398 C C4     . DA  A 1 13 ? 0.193   7.699   -15.312 1.00 10.00 ? 13 DA  A C4     1 
ATOM   399 H "H5'"  . DA  A 1 13 ? 2.216   11.639  -11.727 1.00 10.00 ? 13 DA  A "H5'"  1 
ATOM   400 H "H5''" . DA  A 1 13 ? 3.119   12.830  -12.680 1.00 10.00 ? 13 DA  A "H5''" 1 
ATOM   401 H "H4'"  . DA  A 1 13 ? 4.061   10.557  -12.892 1.00 10.00 ? 13 DA  A "H4'"  1 
ATOM   402 H "H3'"  . DA  A 1 13 ? 3.678   12.243  -15.044 1.00 10.00 ? 13 DA  A "H3'"  1 
ATOM   403 H "H2'"  . DA  A 1 13 ? 1.645   11.312  -15.742 1.00 10.00 ? 13 DA  A "H2'"  1 
ATOM   404 H "H2''" . DA  A 1 13 ? 2.743   10.315  -16.724 1.00 10.00 ? 13 DA  A "H2''" 1 
ATOM   405 H "H1'"  . DA  A 1 13 ? 2.719   8.521   -15.153 1.00 10.00 ? 13 DA  A "H1'"  1 
ATOM   406 H H8     . DA  A 1 13 ? -0.424  10.846  -14.933 1.00 10.00 ? 13 DA  A H8     1 
ATOM   407 H H61    . DA  A 1 13 ? -3.516  5.559   -16.157 1.00 10.00 ? 13 DA  A H61    1 
ATOM   408 H H62    . DA  A 1 13 ? -3.686  7.312   -15.943 1.00 10.00 ? 13 DA  A H62    1 
ATOM   409 H H2     . DA  A 1 13 ? 0.716   4.557   -15.751 1.00 10.00 ? 13 DA  A H2     1 
ATOM   410 P P      . DC  A 1 14 ? 5.593   10.642  -16.594 1.00 10.00 ? 14 DC  A P      1 
ATOM   411 O OP1    . DC  A 1 14 ? 7.054   10.689  -16.373 1.00 10.00 ? 14 DC  A OP1    1 
ATOM   412 O OP2    . DC  A 1 14 ? 4.930   11.679  -17.412 1.00 10.00 ? 14 DC  A OP2    1 
ATOM   413 O "O5'"  . DC  A 1 14 ? 5.229   9.203   -17.220 1.00 10.00 ? 14 DC  A "O5'"  1 
ATOM   414 C "C5'"  . DC  A 1 14 ? 5.881   8.031   -16.756 1.00 10.00 ? 14 DC  A "C5'"  1 
ATOM   415 C "C4'"  . DC  A 1 14 ? 5.423   6.783   -17.514 1.00 10.00 ? 14 DC  A "C4'"  1 
ATOM   416 O "O4'"  . DC  A 1 14 ? 4.123   6.389   -17.113 1.00 10.00 ? 14 DC  A "O4'"  1 
ATOM   417 C "C3'"  . DC  A 1 14 ? 5.352   6.967   -19.031 1.00 10.00 ? 14 DC  A "C3'"  1 
ATOM   418 O "O3'"  . DC  A 1 14 ? 6.613   6.851   -19.664 1.00 10.00 ? 14 DC  A "O3'"  1 
ATOM   419 C "C2'"  . DC  A 1 14 ? 4.431   5.814   -19.398 1.00 10.00 ? 14 DC  A "C2'"  1 
ATOM   420 C "C1'"  . DC  A 1 14 ? 3.470   5.757   -18.204 1.00 10.00 ? 14 DC  A "C1'"  1 
ATOM   421 N N1     . DC  A 1 14 ? 2.182   6.453   -18.489 1.00 10.00 ? 14 DC  A N1     1 
ATOM   422 C C2     . DC  A 1 14 ? 1.088   5.680   -18.892 1.00 10.00 ? 14 DC  A C2     1 
ATOM   423 O O2     . DC  A 1 14 ? 1.192   4.472   -19.096 1.00 10.00 ? 14 DC  A O2     1 
ATOM   424 N N3     . DC  A 1 14 ? -0.126  6.256   -19.068 1.00 10.00 ? 14 DC  A N3     1 
ATOM   425 C C4     . DC  A 1 14 ? -0.264  7.552   -18.856 1.00 10.00 ? 14 DC  A C4     1 
ATOM   426 N N4     . DC  A 1 14 ? -1.482  8.018   -18.960 1.00 10.00 ? 14 DC  A N4     1 
ATOM   427 C C5     . DC  A 1 14 ? 0.826   8.399   -18.488 1.00 10.00 ? 14 DC  A C5     1 
ATOM   428 C C6     . DC  A 1 14 ? 2.037   7.810   -18.313 1.00 10.00 ? 14 DC  A C6     1 
ATOM   429 H "H5'"  . DC  A 1 14 ? 5.681   7.898   -15.691 1.00 10.00 ? 14 DC  A "H5'"  1 
ATOM   430 H "H5''" . DC  A 1 14 ? 6.957   8.149   -16.893 1.00 10.00 ? 14 DC  A "H5''" 1 
ATOM   431 H "H4'"  . DC  A 1 14 ? 6.107   5.964   -17.293 1.00 10.00 ? 14 DC  A "H4'"  1 
ATOM   432 H "H3'"  . DC  A 1 14 ? 4.869   7.914   -19.281 1.00 10.00 ? 14 DC  A "H3'"  1 
ATOM   433 H "HO3'" . DC  A 1 14 ? 7.128   7.639   -19.459 1.00 10.00 ? 14 DC  A "HO3'" 1 
ATOM   434 H "H2'"  . DC  A 1 14 ? 3.918   5.992   -20.344 1.00 10.00 ? 14 DC  A "H2'"  1 
ATOM   435 H "H2''" . DC  A 1 14 ? 5.003   4.886   -19.446 1.00 10.00 ? 14 DC  A "H2''" 1 
ATOM   436 H "H1'"  . DC  A 1 14 ? 3.264   4.713   -17.948 1.00 10.00 ? 14 DC  A "H1'"  1 
ATOM   437 H H41    . DC  A 1 14 ? -2.203  7.321   -19.171 1.00 10.00 ? 14 DC  A H41    1 
ATOM   438 H H42    . DC  A 1 14 ? -1.695  8.966   -18.713 1.00 10.00 ? 14 DC  A H42    1 
ATOM   439 H H5     . DC  A 1 14 ? 0.707   9.458   -18.324 1.00 10.00 ? 14 DC  A H5     1 
ATOM   440 H H6     . DC  A 1 14 ? 2.898   8.394   -18.003 1.00 10.00 ? 14 DC  A H6     1 
ATOM   441 O "O5'"  . DG  B 2 1  ? -8.046  -0.342  -24.164 1.00 10.00 ? 15 DG  B "O5'"  1 
ATOM   442 C "C5'"  . DG  B 2 1  ? -7.915  -0.931  -22.884 1.00 10.00 ? 15 DG  B "C5'"  1 
ATOM   443 C "C4'"  . DG  B 2 1  ? -6.436  -0.933  -22.487 1.00 10.00 ? 15 DG  B "C4'"  1 
ATOM   444 O "O4'"  . DG  B 2 1  ? -5.978  0.415   -22.457 1.00 10.00 ? 15 DG  B "O4'"  1 
ATOM   445 C "C3'"  . DG  B 2 1  ? -6.207  -1.522  -21.089 1.00 10.00 ? 15 DG  B "C3'"  1 
ATOM   446 O "O3'"  . DG  B 2 1  ? -5.082  -2.383  -21.136 1.00 10.00 ? 15 DG  B "O3'"  1 
ATOM   447 C "C2'"  . DG  B 2 1  ? -5.931  -0.278  -20.251 1.00 10.00 ? 15 DG  B "C2'"  1 
ATOM   448 C "C1'"  . DG  B 2 1  ? -5.211  0.579   -21.280 1.00 10.00 ? 15 DG  B "C1'"  1 
ATOM   449 N N9     . DG  B 2 1  ? -5.128  2.000   -20.880 1.00 10.00 ? 15 DG  B N9     1 
ATOM   450 C C8     . DG  B 2 1  ? -6.117  2.950   -20.845 1.00 10.00 ? 15 DG  B C8     1 
ATOM   451 N N7     . DG  B 2 1  ? -5.709  4.132   -20.467 1.00 10.00 ? 15 DG  B N7     1 
ATOM   452 C C5     . DG  B 2 1  ? -4.342  3.954   -20.227 1.00 10.00 ? 15 DG  B C5     1 
ATOM   453 C C6     . DG  B 2 1  ? -3.312  4.870   -19.809 1.00 10.00 ? 15 DG  B C6     1 
ATOM   454 O O6     . DG  B 2 1  ? -3.382  6.073   -19.557 1.00 10.00 ? 15 DG  B O6     1 
ATOM   455 N N1     . DG  B 2 1  ? -2.065  4.276   -19.710 1.00 10.00 ? 15 DG  B N1     1 
ATOM   456 C C2     . DG  B 2 1  ? -1.821  2.962   -19.974 1.00 10.00 ? 15 DG  B C2     1 
ATOM   457 N N2     . DG  B 2 1  ? -0.601  2.521   -19.797 1.00 10.00 ? 15 DG  B N2     1 
ATOM   458 N N3     . DG  B 2 1  ? -2.747  2.089   -20.363 1.00 10.00 ? 15 DG  B N3     1 
ATOM   459 C C4     . DG  B 2 1  ? -3.987  2.646   -20.476 1.00 10.00 ? 15 DG  B C4     1 
ATOM   460 H "H5'"  . DG  B 2 1  ? -8.290  -1.956  -22.913 1.00 10.00 ? 15 DG  B "H5'"  1 
ATOM   461 H "H5''" . DG  B 2 1  ? -8.488  -0.358  -22.154 1.00 10.00 ? 15 DG  B "H5''" 1 
ATOM   462 H "H4'"  . DG  B 2 1  ? -5.864  -1.510  -23.216 1.00 10.00 ? 15 DG  B "H4'"  1 
ATOM   463 H "H3'"  . DG  B 2 1  ? -7.084  -2.062  -20.725 1.00 10.00 ? 15 DG  B "H3'"  1 
ATOM   464 H "H2'"  . DG  B 2 1  ? -6.871  0.184   -19.948 1.00 10.00 ? 15 DG  B "H2'"  1 
ATOM   465 H "H2''" . DG  B 2 1  ? -5.303  -0.493  -19.389 1.00 10.00 ? 15 DG  B "H2''" 1 
ATOM   466 H "H1'"  . DG  B 2 1  ? -4.203  0.179   -21.429 1.00 10.00 ? 15 DG  B "H1'"  1 
ATOM   467 H H8     . DG  B 2 1  ? -7.139  2.735   -21.118 1.00 10.00 ? 15 DG  B H8     1 
ATOM   468 H H1     . DG  B 2 1  ? -1.304  4.884   -19.423 1.00 10.00 ? 15 DG  B H1     1 
ATOM   469 H H21    . DG  B 2 1  ? 0.139   3.147   -19.458 1.00 10.00 ? 15 DG  B H21    1 
ATOM   470 H H22    . DG  B 2 1  ? -0.487  1.522   -19.854 1.00 10.00 ? 15 DG  B H22    1 
ATOM   471 H "HO5'" . DG  B 2 1  ? -7.484  0.442   -24.172 1.00 10.00 ? 15 DG  B "HO5'" 1 
ATOM   472 P P      . DT  B 2 2  ? -4.662  -3.311  -19.883 1.00 10.00 ? 16 DT  B P      1 
ATOM   473 O OP1    . DT  B 2 2  ? -4.242  -4.625  -20.415 1.00 10.00 ? 16 DT  B OP1    1 
ATOM   474 O OP2    . DT  B 2 2  ? -5.739  -3.228  -18.872 1.00 10.00 ? 16 DT  B OP2    1 
ATOM   475 O "O5'"  . DT  B 2 2  ? -3.366  -2.553  -19.296 1.00 10.00 ? 16 DT  B "O5'"  1 
ATOM   476 C "C5'"  . DT  B 2 2  ? -2.126  -2.577  -19.990 1.00 10.00 ? 16 DT  B "C5'"  1 
ATOM   477 C "C4'"  . DT  B 2 2  ? -0.959  -2.019  -19.158 1.00 10.00 ? 16 DT  B "C4'"  1 
ATOM   478 O "O4'"  . DT  B 2 2  ? -1.152  -0.631  -18.912 1.00 10.00 ? 16 DT  B "O4'"  1 
ATOM   479 C "C3'"  . DT  B 2 2  ? -0.783  -2.720  -17.804 1.00 10.00 ? 16 DT  B "C3'"  1 
ATOM   480 O "O3'"  . DT  B 2 2  ? 0.605   -2.818  -17.514 1.00 10.00 ? 16 DT  B "O3'"  1 
ATOM   481 C "C2'"  . DT  B 2 2  ? -1.495  -1.756  -16.865 1.00 10.00 ? 16 DT  B "C2'"  1 
ATOM   482 C "C1'"  . DT  B 2 2  ? -1.125  -0.419  -17.510 1.00 10.00 ? 16 DT  B "C1'"  1 
ATOM   483 N N1     . DT  B 2 2  ? -2.026  0.712   -17.163 1.00 10.00 ? 16 DT  B N1     1 
ATOM   484 C C2     . DT  B 2 2  ? -1.435  1.923   -16.786 1.00 10.00 ? 16 DT  B C2     1 
ATOM   485 O O2     . DT  B 2 2  ? -0.223  2.094   -16.676 1.00 10.00 ? 16 DT  B O2     1 
ATOM   486 N N3     . DT  B 2 2  ? -2.286  2.979   -16.564 1.00 10.00 ? 16 DT  B N3     1 
ATOM   487 C C4     . DT  B 2 2  ? -3.659  2.952   -16.646 1.00 10.00 ? 16 DT  B C4     1 
ATOM   488 O O4     . DT  B 2 2  ? -4.282  3.991   -16.441 1.00 10.00 ? 16 DT  B O4     1 
ATOM   489 C C5     . DT  B 2 2  ? -4.217  1.654   -17.017 1.00 10.00 ? 16 DT  B C5     1 
ATOM   490 C C7     . DT  B 2 2  ? -5.722  1.487   -17.136 1.00 10.00 ? 16 DT  B C7     1 
ATOM   491 C C6     . DT  B 2 2  ? -3.400  0.597   -17.274 1.00 10.00 ? 16 DT  B C6     1 
ATOM   492 H "H5'"  . DT  B 2 2  ? -2.219  -1.997  -20.908 1.00 10.00 ? 16 DT  B "H5'"  1 
ATOM   493 H "H5''" . DT  B 2 2  ? -1.890  -3.609  -20.254 1.00 10.00 ? 16 DT  B "H5''" 1 
ATOM   494 H "H4'"  . DT  B 2 2  ? -0.042  -2.152  -19.731 1.00 10.00 ? 16 DT  B "H4'"  1 
ATOM   495 H "H3'"  . DT  B 2 2  ? -1.252  -3.707  -17.797 1.00 10.00 ? 16 DT  B "H3'"  1 
ATOM   496 H "H2'"  . DT  B 2 2  ? -2.565  -1.950  -16.897 1.00 10.00 ? 16 DT  B "H2'"  1 
ATOM   497 H "H2''" . DT  B 2 2  ? -1.136  -1.834  -15.842 1.00 10.00 ? 16 DT  B "H2''" 1 
ATOM   498 H "H1'"  . DT  B 2 2  ? -0.097  -0.186  -17.211 1.00 10.00 ? 16 DT  B "H1'"  1 
ATOM   499 H H3     . DT  B 2 2  ? -1.854  3.850   -16.277 1.00 10.00 ? 16 DT  B H3     1 
ATOM   500 H H71    . DT  B 2 2  ? -6.203  1.940   -16.268 1.00 10.00 ? 16 DT  B H71    1 
ATOM   501 H H72    . DT  B 2 2  ? -6.073  1.990   -18.035 1.00 10.00 ? 16 DT  B H72    1 
ATOM   502 H H73    . DT  B 2 2  ? -5.994  0.431   -17.174 1.00 10.00 ? 16 DT  B H73    1 
ATOM   503 H H6     . DT  B 2 2  ? -3.822  -0.347  -17.591 1.00 10.00 ? 16 DT  B H6     1 
ATOM   504 P P      . DG  B 2 3  ? 1.178   -3.722  -16.302 1.00 10.00 ? 17 DG  B P      1 
ATOM   505 O OP1    . DG  B 2 3  ? 2.114   -4.712  -16.875 1.00 10.00 ? 17 DG  B OP1    1 
ATOM   506 O OP2    . DG  B 2 3  ? 0.045   -4.169  -15.465 1.00 10.00 ? 17 DG  B OP2    1 
ATOM   507 O "O5'"  . DG  B 2 3  ? 2.026   -2.651  -15.448 1.00 10.00 ? 17 DG  B "O5'"  1 
ATOM   508 C "C5'"  . DG  B 2 3  ? 3.270   -2.162  -15.925 1.00 10.00 ? 17 DG  B "C5'"  1 
ATOM   509 C "C4'"  . DG  B 2 3  ? 3.923   -1.133  -14.986 1.00 10.00 ? 17 DG  B "C4'"  1 
ATOM   510 O "O4'"  . DG  B 2 3  ? 3.098   0.018   -14.895 1.00 10.00 ? 17 DG  B "O4'"  1 
ATOM   511 C "C3'"  . DG  B 2 3  ? 4.178   -1.635  -13.561 1.00 10.00 ? 17 DG  B "C3'"  1 
ATOM   512 O "O3'"  . DG  B 2 3  ? 5.376   -1.029  -13.094 1.00 10.00 ? 17 DG  B "O3'"  1 
ATOM   513 C "C2'"  . DG  B 2 3  ? 2.933   -1.148  -12.827 1.00 10.00 ? 17 DG  B "C2'"  1 
ATOM   514 C "C1'"  . DG  B 2 3  ? 2.642   0.164   -13.559 1.00 10.00 ? 17 DG  B "C1'"  1 
ATOM   515 N N9     . DG  B 2 3  ? 1.206   0.515   -13.584 1.00 10.00 ? 17 DG  B N9     1 
ATOM   516 C C8     . DG  B 2 3  ? 0.129   -0.269  -13.913 1.00 10.00 ? 17 DG  B C8     1 
ATOM   517 N N7     . DG  B 2 3  ? -1.017  0.360   -13.900 1.00 10.00 ? 17 DG  B N7     1 
ATOM   518 C C5     . DG  B 2 3  ? -0.673  1.662   -13.517 1.00 10.00 ? 17 DG  B C5     1 
ATOM   519 C C6     . DG  B 2 3  ? -1.467  2.846   -13.332 1.00 10.00 ? 17 DG  B C6     1 
ATOM   520 O O6     . DG  B 2 3  ? -2.675  3.020   -13.487 1.00 10.00 ? 17 DG  B O6     1 
ATOM   521 N N1     . DG  B 2 3  ? -0.725  3.942   -12.930 1.00 10.00 ? 17 DG  B N1     1 
ATOM   522 C C2     . DG  B 2 3  ? 0.625   3.927   -12.752 1.00 10.00 ? 17 DG  B C2     1 
ATOM   523 N N2     . DG  B 2 3  ? 1.197   5.045   -12.381 1.00 10.00 ? 17 DG  B N2     1 
ATOM   524 N N3     . DG  B 2 3  ? 1.396   2.861   -12.939 1.00 10.00 ? 17 DG  B N3     1 
ATOM   525 C C4     . DG  B 2 3  ? 0.688   1.757   -13.318 1.00 10.00 ? 17 DG  B C4     1 
ATOM   526 H "H5'"  . DG  B 2 3  ? 3.115   -1.694  -16.897 1.00 10.00 ? 17 DG  B "H5'"  1 
ATOM   527 H "H5''" . DG  B 2 3  ? 3.953   -3.002  -16.051 1.00 10.00 ? 17 DG  B "H5''" 1 
ATOM   528 H "H4'"  . DG  B 2 3  ? 4.878   -0.846  -15.423 1.00 10.00 ? 17 DG  B "H4'"  1 
ATOM   529 H "H3'"  . DG  B 2 3  ? 4.260   -2.724  -13.528 1.00 10.00 ? 17 DG  B "H3'"  1 
ATOM   530 H "H2'"  . DG  B 2 3  ? 2.130   -1.869  -12.970 1.00 10.00 ? 17 DG  B "H2'"  1 
ATOM   531 H "H2''" . DG  B 2 3  ? 3.106   -0.987  -11.764 1.00 10.00 ? 17 DG  B "H2''" 1 
ATOM   532 H "H1'"  . DG  B 2 3  ? 3.207   0.967   -13.076 1.00 10.00 ? 17 DG  B "H1'"  1 
ATOM   533 H H8     . DG  B 2 3  ? 0.235   -1.313  -14.180 1.00 10.00 ? 17 DG  B H8     1 
ATOM   534 H H1     . DG  B 2 3  ? -1.238  4.804   -12.785 1.00 10.00 ? 17 DG  B H1     1 
ATOM   535 H H21    . DG  B 2 3  ? 0.652   5.900   -12.225 1.00 10.00 ? 17 DG  B H21    1 
ATOM   536 H H22    . DG  B 2 3  ? 2.186   4.998   -12.226 1.00 10.00 ? 17 DG  B H22    1 
ATOM   537 P P      . DG  B 2 4  ? 6.031   -1.386  -11.663 1.00 10.00 ? 18 DG  B P      1 
ATOM   538 O OP1    . DG  B 2 4  ? 7.482   -1.115  -11.748 1.00 10.00 ? 18 DG  B OP1    1 
ATOM   539 O OP2    . DG  B 2 4  ? 5.551   -2.724  -11.256 1.00 10.00 ? 18 DG  B OP2    1 
ATOM   540 O "O5'"  . DG  B 2 4  ? 5.358   -0.284  -10.696 1.00 10.00 ? 18 DG  B "O5'"  1 
ATOM   541 C "C5'"  . DG  B 2 4  ? 5.772   1.074   -10.733 1.00 10.00 ? 18 DG  B "C5'"  1 
ATOM   542 C "C4'"  . DG  B 2 4  ? 4.931   1.970   -9.812  1.00 10.00 ? 18 DG  B "C4'"  1 
ATOM   543 O "O4'"  . DG  B 2 4  ? 3.615   2.122   -10.339 1.00 10.00 ? 18 DG  B "O4'"  1 
ATOM   544 C "C3'"  . DG  B 2 4  ? 4.783   1.410   -8.382  1.00 10.00 ? 18 DG  B "C3'"  1 
ATOM   545 O "O3'"  . DG  B 2 4  ? 4.826   2.433   -7.400  1.00 10.00 ? 18 DG  B "O3'"  1 
ATOM   546 C "C2'"  . DG  B 2 4  ? 3.353   0.889   -8.410  1.00 10.00 ? 18 DG  B "C2'"  1 
ATOM   547 C "C1'"  . DG  B 2 4  ? 2.731   2.006   -9.242  1.00 10.00 ? 18 DG  B "C1'"  1 
ATOM   548 N N9     . DG  B 2 4  ? 1.329   1.777   -9.646  1.00 10.00 ? 18 DG  B N9     1 
ATOM   549 C C8     . DG  B 2 4  ? 0.699   0.613   -10.006 1.00 10.00 ? 18 DG  B C8     1 
ATOM   550 N N7     . DG  B 2 4  ? -0.584  0.740   -10.209 1.00 10.00 ? 18 DG  B N7     1 
ATOM   551 C C5     . DG  B 2 4  ? -0.830  2.095   -9.962  1.00 10.00 ? 18 DG  B C5     1 
ATOM   552 C C6     . DG  B 2 4  ? -2.040  2.871   -9.998  1.00 10.00 ? 18 DG  B C6     1 
ATOM   553 O O6     . DG  B 2 4  ? -3.189  2.528   -10.269 1.00 10.00 ? 18 DG  B O6     1 
ATOM   554 N N1     . DG  B 2 4  ? -1.845  4.200   -9.671  1.00 10.00 ? 18 DG  B N1     1 
ATOM   555 C C2     . DG  B 2 4  ? -0.643  4.735   -9.326  1.00 10.00 ? 18 DG  B C2     1 
ATOM   556 N N2     . DG  B 2 4  ? -0.629  5.985   -8.935  1.00 10.00 ? 18 DG  B N2     1 
ATOM   557 N N3     . DG  B 2 4  ? 0.496   4.048   -9.273  1.00 10.00 ? 18 DG  B N3     1 
ATOM   558 C C4     . DG  B 2 4  ? 0.341   2.733   -9.613  1.00 10.00 ? 18 DG  B C4     1 
ATOM   559 H "H5'"  . DG  B 2 4  ? 5.697   1.452   -11.753 1.00 10.00 ? 18 DG  B "H5'"  1 
ATOM   560 H "H5''" . DG  B 2 4  ? 6.815   1.132   -10.417 1.00 10.00 ? 18 DG  B "H5''" 1 
ATOM   561 H "H4'"  . DG  B 2 4  ? 5.403   2.951   -9.762  1.00 10.00 ? 18 DG  B "H4'"  1 
ATOM   562 H "H3'"  . DG  B 2 4  ? 5.500   0.615   -8.164  1.00 10.00 ? 18 DG  B "H3'"  1 
ATOM   563 H "H2'"  . DG  B 2 4  ? 3.307   -0.067  -8.934  1.00 10.00 ? 18 DG  B "H2'"  1 
ATOM   564 H "H2''" . DG  B 2 4  ? 2.922   0.819   -7.412  1.00 10.00 ? 18 DG  B "H2''" 1 
ATOM   565 H "H1'"  . DG  B 2 4  ? 2.764   2.931   -8.660  1.00 10.00 ? 18 DG  B "H1'"  1 
ATOM   566 H H8     . DG  B 2 4  ? 1.222   -0.327  -10.113 1.00 10.00 ? 18 DG  B H8     1 
ATOM   567 H H1     . DG  B 2 4  ? -2.680  4.772   -9.610  1.00 10.00 ? 18 DG  B H1     1 
ATOM   568 H H21    . DG  B 2 4  ? -1.498  6.516   -8.827  1.00 10.00 ? 18 DG  B H21    1 
ATOM   569 H H22    . DG  B 2 4  ? 0.250   6.316   -8.581  1.00 10.00 ? 18 DG  B H22    1 
ATOM   570 P P      . DA  B 2 5  ? 6.204   3.059   -6.859  1.00 10.00 ? 19 DA  B P      1 
ATOM   571 O OP1    . DA  B 2 5  ? 7.015   3.496   -8.017  1.00 10.00 ? 19 DA  B OP1    1 
ATOM   572 O OP2    . DA  B 2 5  ? 6.769   2.132   -5.858  1.00 10.00 ? 19 DA  B OP2    1 
ATOM   573 O "O5'"  . DA  B 2 5  ? 5.625   4.361   -6.105  1.00 10.00 ? 19 DA  B "O5'"  1 
ATOM   574 C "C5'"  . DA  B 2 5  ? 5.427   5.586   -6.794  1.00 10.00 ? 19 DA  B "C5'"  1 
ATOM   575 C "C4'"  . DA  B 2 5  ? 4.366   6.484   -6.137  1.00 10.00 ? 19 DA  B "C4'"  1 
ATOM   576 O "O4'"  . DA  B 2 5  ? 3.074   6.014   -6.503  1.00 10.00 ? 19 DA  B "O4'"  1 
ATOM   577 C "C3'"  . DA  B 2 5  ? 4.427   6.534   -4.605  1.00 10.00 ? 19 DA  B "C3'"  1 
ATOM   578 O "O3'"  . DA  B 2 5  ? 4.107   7.855   -4.188  1.00 10.00 ? 19 DA  B "O3'"  1 
ATOM   579 C "C2'"  . DA  B 2 5  ? 3.364   5.509   -4.218  1.00 10.00 ? 19 DA  B "C2'"  1 
ATOM   580 C "C1'"  . DA  B 2 5  ? 2.339   5.696   -5.334  1.00 10.00 ? 19 DA  B "C1'"  1 
ATOM   581 N N9     . DA  B 2 5  ? 1.529   4.489   -5.611  1.00 10.00 ? 19 DA  B N9     1 
ATOM   582 C C8     . DA  B 2 5  ? 1.951   3.197   -5.824  1.00 10.00 ? 19 DA  B C8     1 
ATOM   583 N N7     . DA  B 2 5  ? 0.996   2.364   -6.143  1.00 10.00 ? 19 DA  B N7     1 
ATOM   584 C C5     . DA  B 2 5  ? -0.143  3.178   -6.146  1.00 10.00 ? 19 DA  B C5     1 
ATOM   585 C C6     . DA  B 2 5  ? -1.507  2.967   -6.447  1.00 10.00 ? 19 DA  B C6     1 
ATOM   586 N N6     . DA  B 2 5  ? -2.007  1.808   -6.844  1.00 10.00 ? 19 DA  B N6     1 
ATOM   587 N N1     . DA  B 2 5  ? -2.386  3.973   -6.367  1.00 10.00 ? 19 DA  B N1     1 
ATOM   588 C C2     . DA  B 2 5  ? -1.939  5.173   -6.005  1.00 10.00 ? 19 DA  B C2     1 
ATOM   589 N N3     . DA  B 2 5  ? -0.690  5.520   -5.710  1.00 10.00 ? 19 DA  B N3     1 
ATOM   590 C C4     . DA  B 2 5  ? 0.169   4.467   -5.806  1.00 10.00 ? 19 DA  B C4     1 
ATOM   591 H "H5'"  . DA  B 2 5  ? 5.113   5.386   -7.820  1.00 10.00 ? 19 DA  B "H5'"  1 
ATOM   592 H "H5''" . DA  B 2 5  ? 6.379   6.118   -6.827  1.00 10.00 ? 19 DA  B "H5''" 1 
ATOM   593 H "H4'"  . DA  B 2 5  ? 4.491   7.495   -6.525  1.00 10.00 ? 19 DA  B "H4'"  1 
ATOM   594 H "H3'"  . DA  B 2 5  ? 5.411   6.246   -4.232  1.00 10.00 ? 19 DA  B "H3'"  1 
ATOM   595 H "H2'"  . DA  B 2 5  ? 3.800   4.512   -4.246  1.00 10.00 ? 19 DA  B "H2'"  1 
ATOM   596 H "H2''" . DA  B 2 5  ? 2.941   5.707   -3.236  1.00 10.00 ? 19 DA  B "H2''" 1 
ATOM   597 H "H1'"  . DA  B 2 5  ? 1.684   6.536   -5.079  1.00 10.00 ? 19 DA  B "H1'"  1 
ATOM   598 H H8     . DA  B 2 5  ? 2.992   2.907   -5.758  1.00 10.00 ? 19 DA  B H8     1 
ATOM   599 H H61    . DA  B 2 5  ? -3.004  1.744   -7.062  1.00 10.00 ? 19 DA  B H61    1 
ATOM   600 H H62    . DA  B 2 5  ? -1.397  1.013   -6.927  1.00 10.00 ? 19 DA  B H62    1 
ATOM   601 H H2     . DA  B 2 5  ? -2.678  5.960   -5.949  1.00 10.00 ? 19 DA  B H2     1 
ATOM   602 P P      . DA  B 2 6  ? 4.117   8.308   -2.638  1.00 10.00 ? 20 DA  B P      1 
ATOM   603 O OP1    . DA  B 2 6  ? 4.566   9.716   -2.576  1.00 10.00 ? 20 DA  B OP1    1 
ATOM   604 O OP2    . DA  B 2 6  ? 4.817   7.273   -1.848  1.00 10.00 ? 20 DA  B OP2    1 
ATOM   605 O "O5'"  . DA  B 2 6  ? 2.549   8.256   -2.267  1.00 10.00 ? 20 DA  B "O5'"  1 
ATOM   606 C "C5'"  . DA  B 2 6  ? 1.655   9.233   -2.779  1.00 10.00 ? 20 DA  B "C5'"  1 
ATOM   607 C "C4'"  . DA  B 2 6  ? 0.217   9.038   -2.280  1.00 10.00 ? 20 DA  B "C4'"  1 
ATOM   608 O "O4'"  . DA  B 2 6  ? -0.322  7.846   -2.834  1.00 10.00 ? 20 DA  B "O4'"  1 
ATOM   609 C "C3'"  . DA  B 2 6  ? 0.106   8.953   -0.751  1.00 10.00 ? 20 DA  B "C3'"  1 
ATOM   610 O "O3'"  . DA  B 2 6  ? -0.965  9.785   -0.328  1.00 10.00 ? 20 DA  B "O3'"  1 
ATOM   611 C "C2'"  . DA  B 2 6  ? -0.163  7.466   -0.536  1.00 10.00 ? 20 DA  B "C2'"  1 
ATOM   612 C "C1'"  . DA  B 2 6  ? -0.941  7.106   -1.801  1.00 10.00 ? 20 DA  B "C1'"  1 
ATOM   613 N N9     . DA  B 2 6  ? -0.866  5.669   -2.145  1.00 10.00 ? 20 DA  B N9     1 
ATOM   614 C C8     . DA  B 2 6  ? 0.242   4.857   -2.171  1.00 10.00 ? 20 DA  B C8     1 
ATOM   615 N N7     . DA  B 2 6  ? 0.004   3.627   -2.534  1.00 10.00 ? 20 DA  B N7     1 
ATOM   616 C C5     . DA  B 2 6  ? -1.373  3.635   -2.782  1.00 10.00 ? 20 DA  B C5     1 
ATOM   617 C C6     . DA  B 2 6  ? -2.297  2.660   -3.214  1.00 10.00 ? 20 DA  B C6     1 
ATOM   618 N N6     . DA  B 2 6  ? -1.961  1.412   -3.487  1.00 10.00 ? 20 DA  B N6     1 
ATOM   619 N N1     . DA  B 2 6  ? -3.590  2.969   -3.374  1.00 10.00 ? 20 DA  B N1     1 
ATOM   620 C C2     . DA  B 2 6  ? -3.972  4.216   -3.115  1.00 10.00 ? 20 DA  B C2     1 
ATOM   621 N N3     . DA  B 2 6  ? -3.219  5.228   -2.694  1.00 10.00 ? 20 DA  B N3     1 
ATOM   622 C C4     . DA  B 2 6  ? -1.912  4.873   -2.553  1.00 10.00 ? 20 DA  B C4     1 
ATOM   623 H "H5'"  . DA  B 2 6  ? 1.660   9.192   -3.868  1.00 10.00 ? 20 DA  B "H5'"  1 
ATOM   624 H "H5''" . DA  B 2 6  ? 1.998   10.221  -2.468  1.00 10.00 ? 20 DA  B "H5''" 1 
ATOM   625 H "H4'"  . DA  B 2 6  ? -0.381  9.883   -2.622  1.00 10.00 ? 20 DA  B "H4'"  1 
ATOM   626 H "H3'"  . DA  B 2 6  ? 1.037   9.257   -0.267  1.00 10.00 ? 20 DA  B "H3'"  1 
ATOM   627 H "H2'"  . DA  B 2 6  ? 0.793   6.945   -0.499  1.00 10.00 ? 20 DA  B "H2'"  1 
ATOM   628 H "H2''" . DA  B 2 6  ? -0.737  7.267   0.367   1.00 10.00 ? 20 DA  B "H2''" 1 
ATOM   629 H "H1'"  . DA  B 2 6  ? -1.985  7.416   -1.691  1.00 10.00 ? 20 DA  B "H1'"  1 
ATOM   630 H H8     . DA  B 2 6  ? 1.228   5.212   -1.909  1.00 10.00 ? 20 DA  B H8     1 
ATOM   631 H H61    . DA  B 2 6  ? -2.664  0.777   -3.867  1.00 10.00 ? 20 DA  B H61    1 
ATOM   632 H H62    . DA  B 2 6  ? -1.001  1.136   -3.363  1.00 10.00 ? 20 DA  B H62    1 
ATOM   633 H H2     . DA  B 2 6  ? -5.024  4.430   -3.253  1.00 10.00 ? 20 DA  B H2     1 
ATOM   634 P P      . DT  B 2 7  ? -1.306  10.034  1.232   1.00 10.00 ? 21 DT  B P      1 
ATOM   635 O OP1    . DT  B 2 7  ? -1.984  11.343  1.353   1.00 10.00 ? 21 DT  B OP1    1 
ATOM   636 O OP2    . DT  B 2 7  ? -0.095  9.747   2.031   1.00 10.00 ? 21 DT  B OP2    1 
ATOM   637 O "O5'"  . DT  B 2 7  ? -2.388  8.872   1.501   1.00 10.00 ? 21 DT  B "O5'"  1 
ATOM   638 C "C5'"  . DT  B 2 7  ? -3.683  8.954   0.932   1.00 10.00 ? 21 DT  B "C5'"  1 
ATOM   639 C "C4'"  . DT  B 2 7  ? -4.448  7.634   1.057   1.00 10.00 ? 21 DT  B "C4'"  1 
ATOM   640 O "O4'"  . DT  B 2 7  ? -3.784  6.587   0.369   1.00 10.00 ? 21 DT  B "O4'"  1 
ATOM   641 C "C3'"  . DT  B 2 7  ? -4.631  7.125   2.488   1.00 10.00 ? 21 DT  B "C3'"  1 
ATOM   642 O "O3'"  . DT  B 2 7  ? -5.816  7.649   3.073   1.00 10.00 ? 21 DT  B "O3'"  1 
ATOM   643 C "C2'"  . DT  B 2 7  ? -4.690  5.609   2.285   1.00 10.00 ? 21 DT  B "C2'"  1 
ATOM   644 C "C1'"  . DT  B 2 7  ? -4.405  5.395   0.799   1.00 10.00 ? 21 DT  B "C1'"  1 
ATOM   645 N N1     . DT  B 2 7  ? -3.562  4.195   0.567   1.00 10.00 ? 21 DT  B N1     1 
ATOM   646 C C2     . DT  B 2 7  ? -4.198  3.028   0.137   1.00 10.00 ? 21 DT  B C2     1 
ATOM   647 O O2     . DT  B 2 7  ? -5.411  2.934   -0.023  1.00 10.00 ? 21 DT  B O2     1 
ATOM   648 N N3     . DT  B 2 7  ? -3.393  1.938   -0.092  1.00 10.00 ? 21 DT  B N3     1 
ATOM   649 C C4     . DT  B 2 7  ? -2.030  1.881   0.099   1.00 10.00 ? 21 DT  B C4     1 
ATOM   650 O O4     . DT  B 2 7  ? -1.446  0.835   -0.171  1.00 10.00 ? 21 DT  B O4     1 
ATOM   651 C C5     . DT  B 2 7  ? -1.436  3.115   0.612   1.00 10.00 ? 21 DT  B C5     1 
ATOM   652 C C7     . DT  B 2 7  ? 0.051   3.185   0.911   1.00 10.00 ? 21 DT  B C7     1 
ATOM   653 C C6     . DT  B 2 7  ? -2.206  4.217   0.822   1.00 10.00 ? 21 DT  B C6     1 
ATOM   654 H "H5'"  . DT  B 2 7  ? -3.598  9.201   -0.127  1.00 10.00 ? 21 DT  B "H5'"  1 
ATOM   655 H "H5''" . DT  B 2 7  ? -4.244  9.744   1.433   1.00 10.00 ? 21 DT  B "H5''" 1 
ATOM   656 H "H4'"  . DT  B 2 7  ? -5.437  7.769   0.615   1.00 10.00 ? 21 DT  B "H4'"  1 
ATOM   657 H "H3'"  . DT  B 2 7  ? -3.751  7.385   3.081   1.00 10.00 ? 21 DT  B "H3'"  1 
ATOM   658 H "H2'"  . DT  B 2 7  ? -3.929  5.141   2.909   1.00 10.00 ? 21 DT  B "H2'"  1 
ATOM   659 H "H2''" . DT  B 2 7  ? -5.674  5.202   2.510   1.00 10.00 ? 21 DT  B "H2''" 1 
ATOM   660 H "H1'"  . DT  B 2 7  ? -5.354  5.284   0.267   1.00 10.00 ? 21 DT  B "H1'"  1 
ATOM   661 H H3     . DT  B 2 7  ? -3.856  1.097   -0.422  1.00 10.00 ? 21 DT  B H3     1 
ATOM   662 H H71    . DT  B 2 7  ? 0.240   2.788   1.907   1.00 10.00 ? 21 DT  B H71    1 
ATOM   663 H H72    . DT  B 2 7  ? 0.599   2.589   0.180   1.00 10.00 ? 21 DT  B H72    1 
ATOM   664 H H73    . DT  B 2 7  ? 0.405   4.214   0.857   1.00 10.00 ? 21 DT  B H73    1 
ATOM   665 H H6     . DT  B 2 7  ? -1.767  5.136   1.187   1.00 10.00 ? 21 DT  B H6     1 
HETATM 666 P P      . C2S B 2 8  ? -6.280  7.274   4.579   1.00 10.00 ? 22 C2S B P      1 
HETATM 667 S S1P    . C2S B 2 8  ? -7.407  8.712   5.337   1.00 10.00 ? 22 C2S B S1P    1 
HETATM 668 S S2P    . C2S B 2 8  ? -4.715  6.996   5.755   1.00 10.00 ? 22 C2S B S2P    1 
HETATM 669 O "O5'"  . C2S B 2 8  ? -7.120  5.904   4.475   1.00 10.00 ? 22 C2S B "O5'"  1 
HETATM 670 C "C5'"  . C2S B 2 8  ? -8.332  5.839   3.739   1.00 10.00 ? 22 C2S B "C5'"  1 
HETATM 671 C "C4'"  . C2S B 2 8  ? -8.873  4.404   3.680   1.00 10.00 ? 22 C2S B "C4'"  1 
HETATM 672 O "O4'"  . C2S B 2 8  ? -7.926  3.575   3.017   1.00 10.00 ? 22 C2S B "O4'"  1 
HETATM 673 C "C3'"  . C2S B 2 8  ? -9.147  3.808   5.067   1.00 10.00 ? 22 C2S B "C3'"  1 
HETATM 674 O "O3'"  . C2S B 2 8  ? -10.388 3.118   5.037   1.00 10.00 ? 22 C2S B "O3'"  1 
HETATM 675 C "C2'"  . C2S B 2 8  ? -7.955  2.874   5.249   1.00 10.00 ? 22 C2S B "C2'"  1 
HETATM 676 C "C1'"  . C2S B 2 8  ? -7.688  2.427   3.810   1.00 10.00 ? 22 C2S B "C1'"  1 
HETATM 677 N N1     . C2S B 2 8  ? -6.301  1.936   3.575   1.00 10.00 ? 22 C2S B N1     1 
HETATM 678 C C2     . C2S B 2 8  ? -6.109  0.674   2.995   1.00 10.00 ? 22 C2S B C2     1 
HETATM 679 O O2     . C2S B 2 8  ? -7.050  -0.051  2.677   1.00 10.00 ? 22 C2S B O2     1 
HETATM 680 N N3     . C2S B 2 8  ? -4.852  0.203   2.792   1.00 10.00 ? 22 C2S B N3     1 
HETATM 681 C C4     . C2S B 2 8  ? -3.815  0.952   3.124   1.00 10.00 ? 22 C2S B C4     1 
HETATM 682 N N4     . C2S B 2 8  ? -2.631  0.428   2.929   1.00 10.00 ? 22 C2S B N4     1 
HETATM 683 C C5     . C2S B 2 8  ? -3.951  2.248   3.702   1.00 10.00 ? 22 C2S B C5     1 
HETATM 684 C C6     . C2S B 2 8  ? -5.212  2.707   3.909   1.00 10.00 ? 22 C2S B C6     1 
HETATM 685 H "H5'"  . C2S B 2 8  ? -8.157  6.186   2.719   1.00 10.00 ? 22 C2S B "H5'"  1 
HETATM 686 H "H5''" . C2S B 2 8  ? -9.077  6.485   4.207   1.00 10.00 ? 22 C2S B "H5''" 1 
HETATM 687 H "H4'"  . C2S B 2 8  ? -9.806  4.406   3.115   1.00 10.00 ? 22 C2S B "H4'"  1 
HETATM 688 H "H3'"  . C2S B 2 8  ? -9.160  4.585   5.835   1.00 10.00 ? 22 C2S B "H3'"  1 
HETATM 689 H "H2'1" . C2S B 2 8  ? -7.124  3.447   5.656   1.00 10.00 ? 22 C2S B "H2'1" 1 
HETATM 690 H "H1'"  . C2S B 2 8  ? -8.420  1.656   3.550   1.00 10.00 ? 22 C2S B "H1'"  1 
HETATM 691 H H41    . C2S B 2 8  ? -1.798  0.898   3.222   1.00 10.00 ? 22 C2S B H41    1 
HETATM 692 H H42    . C2S B 2 8  ? -2.595  -0.498  2.492   1.00 10.00 ? 22 C2S B H42    1 
HETATM 693 H H5     . C2S B 2 8  ? -3.100  2.853   3.972   1.00 10.00 ? 22 C2S B H5     1 
HETATM 694 H H6     . C2S B 2 8  ? -5.376  3.690   4.336   1.00 10.00 ? 22 C2S B H6     1 
HETATM 695 H "H2'2" . C2S B 2 8  ? -8.184  2.032   5.895   1.00 10.00 ? 22 C2S B "H2'2" 1 
ATOM   696 P P      . DT  B 2 9  ? -11.101 2.569   6.379   1.00 10.00 ? 23 DT  B P      1 
ATOM   697 O OP1    . DT  B 2 9  ? -12.534 2.351   6.082   1.00 10.00 ? 23 DT  B OP1    1 
ATOM   698 O OP2    . DT  B 2 9  ? -10.699 3.435   7.508   1.00 10.00 ? 23 DT  B OP2    1 
ATOM   699 O "O5'"  . DT  B 2 9  ? -10.401 1.131   6.567   1.00 10.00 ? 23 DT  B "O5'"  1 
ATOM   700 C "C5'"  . DT  B 2 9  ? -10.675 0.070   5.670   1.00 10.00 ? 23 DT  B "C5'"  1 
ATOM   701 C "C4'"  . DT  B 2 9  ? -9.700  -1.095  5.859   1.00 10.00 ? 23 DT  B "C4'"  1 
ATOM   702 O "O4'"  . DT  B 2 9  ? -8.383  -0.704  5.499   1.00 10.00 ? 23 DT  B "O4'"  1 
ATOM   703 C "C3'"  . DT  B 2 9  ? -9.639  -1.643  7.295   1.00 10.00 ? 23 DT  B "C3'"  1 
ATOM   704 O "O3'"  . DT  B 2 9  ? -10.112 -2.984  7.295   1.00 10.00 ? 23 DT  B "O3'"  1 
ATOM   705 C "C2'"  . DT  B 2 9  ? -8.151  -1.539  7.634   1.00 10.00 ? 23 DT  B "C2'"  1 
ATOM   706 C "C1'"  . DT  B 2 9  ? -7.509  -1.514  6.249   1.00 10.00 ? 23 DT  B "C1'"  1 
ATOM   707 N N1     . DT  B 2 9  ? -6.126  -0.962  6.232   1.00 10.00 ? 23 DT  B N1     1 
ATOM   708 C C2     . DT  B 2 9  ? -5.111  -1.760  5.699   1.00 10.00 ? 23 DT  B C2     1 
ATOM   709 O O2     . DT  B 2 9  ? -5.290  -2.884  5.240   1.00 10.00 ? 23 DT  B O2     1 
ATOM   710 N N3     . DT  B 2 9  ? -3.840  -1.238  5.731   1.00 10.00 ? 23 DT  B N3     1 
ATOM   711 C C4     . DT  B 2 9  ? -3.468  -0.018  6.256   1.00 10.00 ? 23 DT  B C4     1 
ATOM   712 O O4     . DT  B 2 9  ? -2.276  0.283   6.263   1.00 10.00 ? 23 DT  B O4     1 
ATOM   713 C C5     . DT  B 2 9  ? -4.580  0.780   6.768   1.00 10.00 ? 23 DT  B C5     1 
ATOM   714 C C7     . DT  B 2 9  ? -4.333  2.160   7.351   1.00 10.00 ? 23 DT  B C7     1 
ATOM   715 C C6     . DT  B 2 9  ? -5.850  0.293   6.740   1.00 10.00 ? 23 DT  B C6     1 
ATOM   716 H "H5'"  . DT  B 2 9  ? -10.588 0.429   4.643   1.00 10.00 ? 23 DT  B "H5'"  1 
ATOM   717 H "H5''" . DT  B 2 9  ? -11.695 -0.280  5.832   1.00 10.00 ? 23 DT  B "H5''" 1 
ATOM   718 H "H4'"  . DT  B 2 9  ? -10.006 -1.906  5.199   1.00 10.00 ? 23 DT  B "H4'"  1 
ATOM   719 H "H3'"  . DT  B 2 9  ? -10.231 -1.023  7.972   1.00 10.00 ? 23 DT  B "H3'"  1 
ATOM   720 H "H2'"  . DT  B 2 9  ? -7.983  -0.602  8.164   1.00 10.00 ? 23 DT  B "H2'"  1 
ATOM   721 H "H2''" . DT  B 2 9  ? -7.785  -2.375  8.227   1.00 10.00 ? 23 DT  B "H2''" 1 
ATOM   722 H "H1'"  . DT  B 2 9  ? -7.516  -2.529  5.838   1.00 10.00 ? 23 DT  B "H1'"  1 
ATOM   723 H H3     . DT  B 2 9  ? -3.108  -1.838  5.365   1.00 10.00 ? 23 DT  B H3     1 
ATOM   724 H H71    . DT  B 2 9  ? -5.187  2.811   7.166   1.00 10.00 ? 23 DT  B H71    1 
ATOM   725 H H72    . DT  B 2 9  ? -4.168  2.077   8.426   1.00 10.00 ? 23 DT  B H72    1 
ATOM   726 H H73    . DT  B 2 9  ? -3.451  2.607   6.889   1.00 10.00 ? 23 DT  B H73    1 
ATOM   727 H H6     . DT  B 2 9  ? -6.663  0.895   7.120   1.00 10.00 ? 23 DT  B H6     1 
HETATM 728 P P      . C2S B 2 10 ? -10.249 -3.860  8.648   1.00 10.00 ? 24 C2S B P      1 
HETATM 729 S S1P    . C2S B 2 10 ? -11.735 -5.155  8.478   1.00 10.00 ? 24 C2S B S1P    1 
HETATM 730 S S2P    . C2S B 2 10 ? -10.613 -2.701  10.209  1.00 10.00 ? 24 C2S B S2P    1 
HETATM 731 O "O5'"  . C2S B 2 10 ? -8.842  -4.627  8.828   1.00 10.00 ? 24 C2S B "O5'"  1 
HETATM 732 C "C5'"  . C2S B 2 10 ? -8.480  -5.690  7.962   1.00 10.00 ? 24 C2S B "C5'"  1 
HETATM 733 C "C4'"  . C2S B 2 10 ? -7.055  -6.191  8.220   1.00 10.00 ? 24 C2S B "C4'"  1 
HETATM 734 O "O4'"  . C2S B 2 10 ? -6.085  -5.226  7.837   1.00 10.00 ? 24 C2S B "O4'"  1 
HETATM 735 C "C3'"  . C2S B 2 10 ? -6.765  -6.570  9.680   1.00 10.00 ? 24 C2S B "C3'"  1 
HETATM 736 O "O3'"  . C2S B 2 10 ? -6.636  -7.982  9.775   1.00 10.00 ? 24 C2S B "O3'"  1 
HETATM 737 C "C2'"  . C2S B 2 10 ? -5.458  -5.825  9.963   1.00 10.00 ? 24 C2S B "C2'"  1 
HETATM 738 C "C1'"  . C2S B 2 10 ? -4.917  -5.533  8.565   1.00 10.00 ? 24 C2S B "C1'"  1 
HETATM 739 N N1     . C2S B 2 10 ? -3.943  -4.406  8.526   1.00 10.00 ? 24 C2S B N1     1 
HETATM 740 C C2     . C2S B 2 10 ? -2.620  -4.659  8.140   1.00 10.00 ? 24 C2S B C2     1 
HETATM 741 O O2     . C2S B 2 10 ? -2.255  -5.767  7.756   1.00 10.00 ? 24 C2S B O2     1 
HETATM 742 N N3     . C2S B 2 10 ? -1.697  -3.667  8.175   1.00 10.00 ? 24 C2S B N3     1 
HETATM 743 C C4     . C2S B 2 10 ? -2.071  -2.446  8.513   1.00 10.00 ? 24 C2S B C4     1 
HETATM 744 N N4     . C2S B 2 10 ? -1.150  -1.518  8.440   1.00 10.00 ? 24 C2S B N4     1 
HETATM 745 C C5     . C2S B 2 10 ? -3.415  -2.122  8.875   1.00 10.00 ? 24 C2S B C5     1 
HETATM 746 C C6     . C2S B 2 10 ? -4.324  -3.132  8.868   1.00 10.00 ? 24 C2S B C6     1 
HETATM 747 H "H5'"  . C2S B 2 10 ? -8.548  -5.358  6.925   1.00 10.00 ? 24 C2S B "H5'"  1 
HETATM 748 H "H5''" . C2S B 2 10 ? -9.172  -6.521  8.109   1.00 10.00 ? 24 C2S B "H5''" 1 
HETATM 749 H "H4'"  . C2S B 2 10 ? -6.897  -7.081  7.609   1.00 10.00 ? 24 C2S B "H4'"  1 
HETATM 750 H "H3'"  . C2S B 2 10 ? -7.554  -6.215  10.347  1.00 10.00 ? 24 C2S B "H3'"  1 
HETATM 751 H "H2'1" . C2S B 2 10 ? -5.691  -4.899  10.492  1.00 10.00 ? 24 C2S B "H2'1" 1 
HETATM 752 H "H1'"  . C2S B 2 10 ? -4.461  -6.447  8.167   1.00 10.00 ? 24 C2S B "H1'"  1 
HETATM 753 H H41    . C2S B 2 10 ? -1.399  -0.549  8.484   1.00 10.00 ? 24 C2S B H41    1 
HETATM 754 H H42    . C2S B 2 10 ? -0.227  -1.814  8.111   1.00 10.00 ? 24 C2S B H42    1 
HETATM 755 H H5     . C2S B 2 10 ? -3.715  -1.121  9.140   1.00 10.00 ? 24 C2S B H5     1 
HETATM 756 H H6     . C2S B 2 10 ? -5.363  -2.952  9.120   1.00 10.00 ? 24 C2S B H6     1 
HETATM 757 H "H2'2" . C2S B 2 10 ? -4.760  -6.421  10.543  1.00 10.00 ? 24 C2S B "H2'2" 1 
ATOM   758 P P      . DC  B 2 11 ? -6.368  -8.744  11.178  1.00 10.00 ? 25 DC  B P      1 
ATOM   759 O OP1    . DC  B 2 11 ? -7.008  -10.075 11.111  1.00 10.00 ? 25 DC  B OP1    1 
ATOM   760 O OP2    . DC  B 2 11 ? -6.684  -7.818  12.287  1.00 10.00 ? 25 DC  B OP2    1 
ATOM   761 O "O5'"  . DC  B 2 11 ? -4.771  -8.944  11.123  1.00 10.00 ? 25 DC  B "O5'"  1 
ATOM   762 C "C5'"  . DC  B 2 11 ? -4.188  -9.830  10.180  1.00 10.00 ? 25 DC  B "C5'"  1 
ATOM   763 C "C4'"  . DC  B 2 11 ? -2.688  -9.578  10.011  1.00 10.00 ? 25 DC  B "C4'"  1 
ATOM   764 O "O4'"  . DC  B 2 11 ? -2.452  -8.219  9.685   1.00 10.00 ? 25 DC  B "O4'"  1 
ATOM   765 C "C3'"  . DC  B 2 11 ? -1.840  -9.855  11.250  1.00 10.00 ? 25 DC  B "C3'"  1 
ATOM   766 O "O3'"  . DC  B 2 11 ? -1.503  -11.229 11.364  1.00 10.00 ? 25 DC  B "O3'"  1 
ATOM   767 C "C2'"  . DC  B 2 11 ? -0.620  -8.984  10.965  1.00 10.00 ? 25 DC  B "C2'"  1 
ATOM   768 C "C1'"  . DC  B 2 11 ? -1.096  -7.932  9.966   1.00 10.00 ? 25 DC  B "C1'"  1 
ATOM   769 N N1     . DC  B 2 11 ? -0.916  -6.565  10.517  1.00 10.00 ? 25 DC  B N1     1 
ATOM   770 C C2     . DC  B 2 11 ? 0.298   -5.917  10.278  1.00 10.00 ? 25 DC  B C2     1 
ATOM   771 O O2     . DC  B 2 11 ? 1.216   -6.474  9.680   1.00 10.00 ? 25 DC  B O2     1 
ATOM   772 N N3     . DC  B 2 11 ? 0.497   -4.656  10.726  1.00 10.00 ? 25 DC  B N3     1 
ATOM   773 C C4     . DC  B 2 11 ? -0.460  -4.055  11.406  1.00 10.00 ? 25 DC  B C4     1 
ATOM   774 N N4     . DC  B 2 11 ? -0.200  -2.830  11.792  1.00 10.00 ? 25 DC  B N4     1 
ATOM   775 C C5     . DC  B 2 11 ? -1.698  -4.691  11.735  1.00 10.00 ? 25 DC  B C5     1 
ATOM   776 C C6     . DC  B 2 11 ? -1.884  -5.957  11.278  1.00 10.00 ? 25 DC  B C6     1 
ATOM   777 H "H5'"  . DC  B 2 11 ? -4.665  -9.683  9.210   1.00 10.00 ? 25 DC  B "H5'"  1 
ATOM   778 H "H5''" . DC  B 2 11 ? -4.353  -10.861 10.499  1.00 10.00 ? 25 DC  B "H5''" 1 
ATOM   779 H "H4'"  . DC  B 2 11 ? -2.314  -10.206 9.202   1.00 10.00 ? 25 DC  B "H4'"  1 
ATOM   780 H "H3'"  . DC  B 2 11 ? -2.358  -9.495  12.142  1.00 10.00 ? 25 DC  B "H3'"  1 
ATOM   781 H "H2'"  . DC  B 2 11 ? -0.260  -8.545  11.892  1.00 10.00 ? 25 DC  B "H2'"  1 
ATOM   782 H "H2''" . DC  B 2 11 ? 0.170   -9.563  10.492  1.00 10.00 ? 25 DC  B "H2''" 1 
ATOM   783 H "H1'"  . DC  B 2 11 ? -0.513  -8.027  9.044   1.00 10.00 ? 25 DC  B "H1'"  1 
ATOM   784 H H41    . DC  B 2 11 ? 0.713   -2.466  11.501  1.00 10.00 ? 25 DC  B H41    1 
ATOM   785 H H42    . DC  B 2 11 ? -0.862  -2.290  12.309  1.00 10.00 ? 25 DC  B H42    1 
ATOM   786 H H5     . DC  B 2 11 ? -2.463  -4.208  12.321  1.00 10.00 ? 25 DC  B H5     1 
ATOM   787 H H6     . DC  B 2 11 ? -2.790  -6.512  11.499  1.00 10.00 ? 25 DC  B H6     1 
ATOM   788 P P      . DT  B 2 12 ? -0.522  -11.788 12.525  1.00 10.00 ? 26 DT  B P      1 
ATOM   789 O OP1    . DT  B 2 12 ? -0.747  -13.242 12.663  1.00 10.00 ? 26 DT  B OP1    1 
ATOM   790 O OP2    . DT  B 2 12 ? -0.634  -10.899 13.701  1.00 10.00 ? 26 DT  B OP2    1 
ATOM   791 O "O5'"  . DT  B 2 12 ? 0.945   -11.569 11.893  1.00 10.00 ? 26 DT  B "O5'"  1 
ATOM   792 C "C5'"  . DT  B 2 12 ? 1.306   -12.148 10.648  1.00 10.00 ? 26 DT  B "C5'"  1 
ATOM   793 C "C4'"  . DT  B 2 12 ? 2.712   -11.718 10.206  1.00 10.00 ? 26 DT  B "C4'"  1 
ATOM   794 O "O4'"  . DT  B 2 12 ? 2.801   -10.296 10.164  1.00 10.00 ? 26 DT  B "O4'"  1 
ATOM   795 C "C3'"  . DT  B 2 12 ? 3.812   -12.247 11.132  1.00 10.00 ? 26 DT  B "C3'"  1 
ATOM   796 O "O3'"  . DT  B 2 12 ? 4.881   -12.733 10.334  1.00 10.00 ? 26 DT  B "O3'"  1 
ATOM   797 C "C2'"  . DT  B 2 12 ? 4.178   -11.005 11.936  1.00 10.00 ? 26 DT  B "C2'"  1 
ATOM   798 C "C1'"  . DT  B 2 12 ? 3.908   -9.870  10.944  1.00 10.00 ? 26 DT  B "C1'"  1 
ATOM   799 N N1     . DT  B 2 12 ? 3.596   -8.577  11.618  1.00 10.00 ? 26 DT  B N1     1 
ATOM   800 C C2     . DT  B 2 12 ? 4.433   -7.475  11.388  1.00 10.00 ? 26 DT  B C2     1 
ATOM   801 O O2     . DT  B 2 12 ? 5.398   -7.498  10.633  1.00 10.00 ? 26 DT  B O2     1 
ATOM   802 N N3     . DT  B 2 12 ? 4.131   -6.311  12.069  1.00 10.00 ? 26 DT  B N3     1 
ATOM   803 C C4     . DT  B 2 12 ? 3.065   -6.134  12.925  1.00 10.00 ? 26 DT  B C4     1 
ATOM   804 O O4     . DT  B 2 12 ? 2.904   -5.034  13.447  1.00 10.00 ? 26 DT  B O4     1 
ATOM   805 C C5     . DT  B 2 12 ? 2.226   -7.314  13.113  1.00 10.00 ? 26 DT  B C5     1 
ATOM   806 C C7     . DT  B 2 12 ? 1.024   -7.249  14.041  1.00 10.00 ? 26 DT  B C7     1 
ATOM   807 C C6     . DT  B 2 12 ? 2.511   -8.476  12.467  1.00 10.00 ? 26 DT  B C6     1 
ATOM   808 H "H5'"  . DT  B 2 12 ? 0.593   -11.833 9.885   1.00 10.00 ? 26 DT  B "H5'"  1 
ATOM   809 H "H5''" . DT  B 2 12 ? 1.266   -13.235 10.730  1.00 10.00 ? 26 DT  B "H5''" 1 
ATOM   810 H "H4'"  . DT  B 2 12 ? 2.890   -12.114 9.206   1.00 10.00 ? 26 DT  B "H4'"  1 
ATOM   811 H "H3'"  . DT  B 2 12 ? 3.432   -13.038 11.782  1.00 10.00 ? 26 DT  B "H3'"  1 
ATOM   812 H "H2'"  . DT  B 2 12 ? 3.515   -10.942 12.798  1.00 10.00 ? 26 DT  B "H2'"  1 
ATOM   813 H "H2''" . DT  B 2 12 ? 5.216   -11.015 12.256  1.00 10.00 ? 26 DT  B "H2''" 1 
ATOM   814 H "H1'"  . DT  B 2 12 ? 4.782   -9.765  10.294  1.00 10.00 ? 26 DT  B "H1'"  1 
ATOM   815 H H3     . DT  B 2 12 ? 4.747   -5.514  11.936  1.00 10.00 ? 26 DT  B H3     1 
ATOM   816 H H71    . DT  B 2 12 ? 1.330   -6.820  14.995  1.00 10.00 ? 26 DT  B H71    1 
ATOM   817 H H72    . DT  B 2 12 ? 0.258   -6.616  13.594  1.00 10.00 ? 26 DT  B H72    1 
ATOM   818 H H73    . DT  B 2 12 ? 0.615   -8.245  14.217  1.00 10.00 ? 26 DT  B H73    1 
ATOM   819 H H6     . DT  B 2 12 ? 1.877   -9.343  12.608  1.00 10.00 ? 26 DT  B H6     1 
ATOM   820 P P      . DG  B 2 13 ? 6.099   -13.595 10.954  1.00 10.00 ? 27 DG  B P      1 
ATOM   821 O OP1    . DG  B 2 13 ? 6.742   -14.345 9.854   1.00 10.00 ? 27 DG  B OP1    1 
ATOM   822 O OP2    . DG  B 2 13 ? 5.607   -14.308 12.151  1.00 10.00 ? 27 DG  B OP2    1 
ATOM   823 O "O5'"  . DG  B 2 13 ? 7.108   -12.439 11.430  1.00 10.00 ? 27 DG  B "O5'"  1 
ATOM   824 C "C5'"  . DG  B 2 13 ? 7.788   -11.633 10.483  1.00 10.00 ? 27 DG  B "C5'"  1 
ATOM   825 C "C4'"  . DG  B 2 13 ? 8.477   -10.438 11.149  1.00 10.00 ? 27 DG  B "C4'"  1 
ATOM   826 O "O4'"  . DG  B 2 13 ? 7.497   -9.523  11.639  1.00 10.00 ? 27 DG  B "O4'"  1 
ATOM   827 C "C3'"  . DG  B 2 13 ? 9.380   -10.820 12.337  1.00 10.00 ? 27 DG  B "C3'"  1 
ATOM   828 O "O3'"  . DG  B 2 13 ? 10.602  -10.091 12.217  1.00 10.00 ? 27 DG  B "O3'"  1 
ATOM   829 C "C2'"  . DG  B 2 13 ? 8.509   -10.361 13.509  1.00 10.00 ? 27 DG  B "C2'"  1 
ATOM   830 C "C1'"  . DG  B 2 13 ? 7.961   -9.081  12.895  1.00 10.00 ? 27 DG  B "C1'"  1 
ATOM   831 N N9     . DG  B 2 13 ? 6.938   -8.405  13.722  1.00 10.00 ? 27 DG  B N9     1 
ATOM   832 C C8     . DG  B 2 13 ? 5.819   -8.926  14.322  1.00 10.00 ? 27 DG  B C8     1 
ATOM   833 N N7     . DG  B 2 13 ? 5.176   -8.083  15.083  1.00 10.00 ? 27 DG  B N7     1 
ATOM   834 C C5     . DG  B 2 13 ? 5.940   -6.914  15.004  1.00 10.00 ? 27 DG  B C5     1 
ATOM   835 C C6     . DG  B 2 13 ? 5.802   -5.641  15.659  1.00 10.00 ? 27 DG  B C6     1 
ATOM   836 O O6     . DG  B 2 13 ? 4.958   -5.257  16.469  1.00 10.00 ? 27 DG  B O6     1 
ATOM   837 N N1     . DG  B 2 13 ? 6.807   -4.749  15.333  1.00 10.00 ? 27 DG  B N1     1 
ATOM   838 C C2     . DG  B 2 13 ? 7.838   -5.033  14.492  1.00 10.00 ? 27 DG  B C2     1 
ATOM   839 N N2     . DG  B 2 13 ? 8.721   -4.081  14.294  1.00 10.00 ? 27 DG  B N2     1 
ATOM   840 N N3     . DG  B 2 13 ? 8.010   -6.205  13.880  1.00 10.00 ? 27 DG  B N3     1 
ATOM   841 C C4     . DG  B 2 13 ? 7.022   -7.107  14.171  1.00 10.00 ? 27 DG  B C4     1 
ATOM   842 H "H5'"  . DG  B 2 13 ? 7.077   -11.257 9.746   1.00 10.00 ? 27 DG  B "H5'"  1 
ATOM   843 H "H5''" . DG  B 2 13 ? 8.534   -12.242 9.970   1.00 10.00 ? 27 DG  B "H5''" 1 
ATOM   844 H "H4'"  . DG  B 2 13 ? 9.086   -9.932  10.400  1.00 10.00 ? 27 DG  B "H4'"  1 
ATOM   845 H "H3'"  . DG  B 2 13 ? 9.570   -11.895 12.379  1.00 10.00 ? 27 DG  B "H3'"  1 
ATOM   846 H "H2'"  . DG  B 2 13 ? 7.708   -11.081 13.682  1.00 10.00 ? 27 DG  B "H2'"  1 
ATOM   847 H "H2''" . DG  B 2 13 ? 9.064   -10.189 14.427  1.00 10.00 ? 27 DG  B "H2''" 1 
ATOM   848 H "H1'"  . DG  B 2 13 ? 8.782   -8.382  12.736  1.00 10.00 ? 27 DG  B "H1'"  1 
ATOM   849 H H8     . DG  B 2 13 ? 5.504   -9.949  14.183  1.00 10.00 ? 27 DG  B H8     1 
ATOM   850 H H1     . DG  B 2 13 ? 6.753   -3.833  15.763  1.00 10.00 ? 27 DG  B H1     1 
ATOM   851 H H21    . DG  B 2 13 ? 8.608   -3.155  14.723  1.00 10.00 ? 27 DG  B H21    1 
ATOM   852 H H22    . DG  B 2 13 ? 9.464   -4.285  13.650  1.00 10.00 ? 27 DG  B H22    1 
ATOM   853 P P      . DG  B 2 14 ? 11.771  -10.150 13.328  1.00 10.00 ? 28 DG  B P      1 
ATOM   854 O OP1    . DG  B 2 14 ? 13.033  -9.612  12.757  1.00 10.00 ? 28 DG  B OP1    1 
ATOM   855 O OP2    . DG  B 2 14 ? 11.760  -11.483 13.960  1.00 10.00 ? 28 DG  B OP2    1 
ATOM   856 O "O5'"  . DG  B 2 14 ? 11.240  -9.075  14.413  1.00 10.00 ? 28 DG  B "O5'"  1 
ATOM   857 C "C5'"  . DG  B 2 14 ? 11.101  -7.691  14.115  1.00 10.00 ? 28 DG  B "C5'"  1 
ATOM   858 C "C4'"  . DG  B 2 14 ? 12.418  -6.899  14.132  1.00 10.00 ? 28 DG  B "C4'"  1 
ATOM   859 O "O4'"  . DG  B 2 14 ? 12.201  -5.635  14.751  1.00 10.00 ? 28 DG  B "O4'"  1 
ATOM   860 C "C3'"  . DG  B 2 14 ? 13.576  -7.580  14.885  1.00 10.00 ? 28 DG  B "C3'"  1 
ATOM   861 O "O3'"  . DG  B 2 14 ? 14.498  -8.135  13.968  1.00 10.00 ? 28 DG  B "O3'"  1 
ATOM   862 C "C2'"  . DG  B 2 14 ? 14.149  -6.459  15.736  1.00 10.00 ? 28 DG  B "C2'"  1 
ATOM   863 C "C1'"  . DG  B 2 14 ? 12.917  -5.582  15.971  1.00 10.00 ? 28 DG  B "C1'"  1 
ATOM   864 N N9     . DG  B 2 14 ? 12.053  -6.000  17.113  1.00 10.00 ? 28 DG  B N9     1 
ATOM   865 C C8     . DG  B 2 14 ? 11.498  -7.225  17.420  1.00 10.00 ? 28 DG  B C8     1 
ATOM   866 N N7     . DG  B 2 14 ? 10.779  -7.234  18.507  1.00 10.00 ? 28 DG  B N7     1 
ATOM   867 C C5     . DG  B 2 14 ? 10.845  -5.918  18.964  1.00 10.00 ? 28 DG  B C5     1 
ATOM   868 C C6     . DG  B 2 14 ? 10.251  -5.278  20.105  1.00 10.00 ? 28 DG  B C6     1 
ATOM   869 O O6     . DG  B 2 14 ? 9.517   -5.739  20.979  1.00 10.00 ? 28 DG  B O6     1 
ATOM   870 N N1     . DG  B 2 14 ? 10.571  -3.936  20.199  1.00 10.00 ? 28 DG  B N1     1 
ATOM   871 C C2     . DG  B 2 14 ? 11.352  -3.270  19.306  1.00 10.00 ? 28 DG  B C2     1 
ATOM   872 N N2     . DG  B 2 14 ? 11.539  -1.990  19.520  1.00 10.00 ? 28 DG  B N2     1 
ATOM   873 N N3     . DG  B 2 14 ? 11.926  -3.830  18.241  1.00 10.00 ? 28 DG  B N3     1 
ATOM   874 C C4     . DG  B 2 14 ? 11.629  -5.160  18.118  1.00 10.00 ? 28 DG  B C4     1 
ATOM   875 H "H5'"  . DG  B 2 14 ? 10.429  -7.259  14.857  1.00 10.00 ? 28 DG  B "H5'"  1 
ATOM   876 H "H5''" . DG  B 2 14 ? 10.633  -7.559  13.140  1.00 10.00 ? 28 DG  B "H5''" 1 
ATOM   877 H "H4'"  . DG  B 2 14 ? 12.731  -6.731  13.101  1.00 10.00 ? 28 DG  B "H4'"  1 
ATOM   878 H "H3'"  . DG  B 2 14 ? 13.211  -8.368  15.540  1.00 10.00 ? 28 DG  B "H3'"  1 
ATOM   879 H "HO3'" . DG  B 2 14 ? 13.947  -8.796  13.401  1.00 10.00 ? 28 DG  B "HO3'" 1 
ATOM   880 H "H2'"  . DG  B 2 14 ? 14.581  -6.831  16.665  1.00 10.00 ? 28 DG  B "H2'"  1 
ATOM   881 H "H2''" . DG  B 2 14 ? 14.887  -5.902  15.159  1.00 10.00 ? 28 DG  B "H2''" 1 
ATOM   882 H "H1'"  . DG  B 2 14 ? 13.231  -4.553  16.158  1.00 10.00 ? 28 DG  B "H1'"  1 
ATOM   883 H H8     . DG  B 2 14 ? 11.615  -8.112  16.815  1.00 10.00 ? 28 DG  B H8     1 
ATOM   884 H H1     . DG  B 2 14 ? 10.122  -3.431  20.955  1.00 10.00 ? 28 DG  B H1     1 
ATOM   885 H H21    . DG  B 2 14 ? 11.111  -1.528  20.330  1.00 10.00 ? 28 DG  B H21    1 
ATOM   886 H H22    . DG  B 2 14 ? 12.080  -1.497  18.833  1.00 10.00 ? 28 DG  B H22    1 
# 
